data_1OCL
#
_entry.id   1OCL
#
_cell.length_a   103.821
_cell.length_b   94.940
_cell.length_c   74.783
_cell.angle_alpha   90.00
_cell.angle_beta   90.00
_cell.angle_gamma   90.00
#
_symmetry.space_group_name_H-M   'P 21 21 2'
#
loop_
_entity.id
_entity.type
_entity.pdbx_description
1 polymer 'MALONAMIDASE E2'
2 non-polymer 'MALONIC ACID'
3 water water
#
_entity_poly.entity_id   1
_entity_poly.type   'polypeptide(L)'
_entity_poly.pdbx_seq_one_letter_code
;MISLADLQRRIETGELSPNAAIAQSHAAIEAREKEVHAFVRHDKSARAQASGPLRGIAVGIKDIIDTANMPTEMGSEIYR
GWQPRSDAPVVMMLKRAGATIIGKTTTTAFASRDPTATLNPHNTGHSPGGSSSGSAAAVGAGMIPLALGTQTGGSVIRPA
AYCGTAAIKPSFRMLPTVGVKCYSWALDTVGLFGARAEDLARGLLAMTGRSEFSGIVPAKAPRIGVVRQEFAGAVEPAAE
QGLQAAIKAAERAGASVQAIDLPEAVHEAWRIHPIIQDFEAHRALAWEFSEHHDEIAPMLRASLDATVGLTPKEYDEARR
IGRRGRRELGEVFEGVDVLLTYSAPGTAPAKALASTGDPRYNRLWTLMGNPCVNVPVLKVGGLPIGVQVIARFGNDAHAL
ATAWFLEDALAK
;
_entity_poly.pdbx_strand_id   A,B
#
loop_
_chem_comp.id
_chem_comp.type
_chem_comp.name
_chem_comp.formula
MLA non-polymer 'MALONIC ACID' 'C3 H4 O4'
#
# COMPACT_ATOMS: atom_id res chain seq x y z
N MET A 1 15.34 -27.32 -13.93
CA MET A 1 14.43 -26.13 -13.92
C MET A 1 14.01 -25.73 -15.34
N ILE A 2 12.88 -25.06 -15.45
CA ILE A 2 12.35 -24.62 -16.74
C ILE A 2 12.65 -23.14 -16.99
N SER A 3 13.15 -22.84 -18.18
CA SER A 3 13.46 -21.46 -18.56
C SER A 3 12.30 -20.78 -19.26
N LEU A 4 11.81 -19.70 -18.66
CA LEU A 4 10.71 -18.95 -19.24
C LEU A 4 11.16 -18.41 -20.60
N ALA A 5 12.34 -17.82 -20.65
CA ALA A 5 12.89 -17.25 -21.88
C ALA A 5 12.99 -18.32 -22.97
N ASP A 6 13.34 -19.52 -22.56
CA ASP A 6 13.46 -20.65 -23.48
C ASP A 6 12.10 -20.92 -24.10
N LEU A 7 11.11 -21.20 -23.25
CA LEU A 7 9.76 -21.46 -23.70
C LEU A 7 9.27 -20.35 -24.61
N GLN A 8 9.49 -19.09 -24.21
CA GLN A 8 9.08 -17.96 -25.03
C GLN A 8 9.57 -18.04 -26.46
N ARG A 9 10.90 -18.10 -26.61
CA ARG A 9 11.52 -18.17 -27.93
C ARG A 9 10.94 -19.28 -28.82
N ARG A 10 10.88 -20.49 -28.28
CA ARG A 10 10.38 -21.63 -29.04
C ARG A 10 8.91 -21.47 -29.47
N ILE A 11 8.07 -21.01 -28.56
CA ILE A 11 6.66 -20.81 -28.87
C ILE A 11 6.53 -19.73 -29.95
N GLU A 12 7.34 -18.70 -29.84
CA GLU A 12 7.31 -17.58 -30.79
C GLU A 12 7.65 -18.02 -32.23
N THR A 13 8.55 -18.99 -32.37
CA THR A 13 8.94 -19.48 -33.69
C THR A 13 8.01 -20.60 -34.16
N GLY A 14 7.13 -21.04 -33.28
CA GLY A 14 6.22 -22.11 -33.62
C GLY A 14 6.84 -23.46 -33.32
N GLU A 15 8.11 -23.44 -32.93
CA GLU A 15 8.83 -24.67 -32.60
C GLU A 15 8.12 -25.45 -31.50
N LEU A 16 7.55 -24.72 -30.53
CA LEU A 16 6.83 -25.33 -29.42
C LEU A 16 5.44 -24.69 -29.28
N SER A 17 4.44 -25.49 -28.93
CA SER A 17 3.09 -24.98 -28.76
C SER A 17 2.76 -24.70 -27.29
N PRO A 18 1.90 -23.70 -27.04
CA PRO A 18 1.49 -23.33 -25.68
C PRO A 18 0.86 -24.50 -24.93
N ASN A 19 -0.08 -25.18 -25.58
CA ASN A 19 -0.73 -26.32 -24.94
C ASN A 19 0.32 -27.33 -24.50
N ALA A 20 1.35 -27.50 -25.31
CA ALA A 20 2.42 -28.44 -25.01
C ALA A 20 3.20 -27.95 -23.79
N ALA A 21 3.53 -26.66 -23.80
CA ALA A 21 4.28 -26.06 -22.71
C ALA A 21 3.53 -26.24 -21.40
N ILE A 22 2.24 -25.94 -21.40
CA ILE A 22 1.43 -26.08 -20.20
C ILE A 22 1.30 -27.54 -19.79
N ALA A 23 1.10 -28.42 -20.77
CA ALA A 23 0.97 -29.84 -20.50
C ALA A 23 2.22 -30.34 -19.78
N GLN A 24 3.37 -29.79 -20.16
CA GLN A 24 4.65 -30.16 -19.56
C GLN A 24 4.69 -29.79 -18.08
N SER A 25 4.27 -28.57 -17.76
CA SER A 25 4.25 -28.12 -16.37
C SER A 25 3.35 -29.01 -15.53
N HIS A 26 2.17 -29.30 -16.05
CA HIS A 26 1.23 -30.18 -15.35
C HIS A 26 1.90 -31.51 -15.08
N ALA A 27 2.71 -31.96 -16.04
CA ALA A 27 3.40 -33.24 -15.93
C ALA A 27 4.48 -33.16 -14.85
N ALA A 28 5.31 -32.12 -14.92
CA ALA A 28 6.38 -31.92 -13.95
C ALA A 28 5.82 -31.84 -12.54
N ILE A 29 4.70 -31.14 -12.37
CA ILE A 29 4.08 -31.00 -11.07
C ILE A 29 3.67 -32.35 -10.51
N GLU A 30 2.79 -33.05 -11.23
CA GLU A 30 2.32 -34.35 -10.80
C GLU A 30 3.49 -35.32 -10.61
N ALA A 31 4.63 -34.99 -11.20
CA ALA A 31 5.81 -35.82 -11.11
C ALA A 31 6.54 -35.75 -9.77
N ARG A 32 6.37 -34.67 -9.02
CA ARG A 32 7.08 -34.55 -7.75
C ARG A 32 6.34 -33.90 -6.58
N GLU A 33 5.09 -33.49 -6.78
CA GLU A 33 4.35 -32.87 -5.69
C GLU A 33 4.23 -33.76 -4.45
N LYS A 34 3.97 -35.05 -4.66
CA LYS A 34 3.85 -35.99 -3.54
C LYS A 34 5.14 -36.01 -2.75
N GLU A 35 6.20 -35.50 -3.35
CA GLU A 35 7.51 -35.47 -2.74
C GLU A 35 7.90 -34.09 -2.19
N VAL A 36 7.50 -33.03 -2.90
CA VAL A 36 7.84 -31.66 -2.53
C VAL A 36 6.75 -30.87 -1.78
N HIS A 37 5.49 -31.11 -2.12
CA HIS A 37 4.38 -30.42 -1.47
C HIS A 37 4.50 -28.90 -1.61
N ALA A 38 4.78 -28.43 -2.82
CA ALA A 38 4.93 -27.00 -3.07
C ALA A 38 3.63 -26.26 -3.37
N PHE A 39 2.55 -26.99 -3.57
CA PHE A 39 1.27 -26.37 -3.89
C PHE A 39 0.16 -26.56 -2.89
N VAL A 40 -0.56 -25.49 -2.60
CA VAL A 40 -1.70 -25.55 -1.70
C VAL A 40 -2.81 -26.18 -2.52
N ARG A 41 -2.86 -25.77 -3.80
CA ARG A 41 -3.85 -26.28 -4.73
C ARG A 41 -3.30 -26.14 -6.15
N HIS A 42 -3.49 -27.20 -6.93
CA HIS A 42 -3.04 -27.28 -8.31
C HIS A 42 -4.26 -27.39 -9.23
N ASP A 43 -4.44 -26.41 -10.10
CA ASP A 43 -5.57 -26.40 -11.03
C ASP A 43 -5.19 -27.25 -12.24
N LYS A 44 -5.50 -28.54 -12.16
CA LYS A 44 -5.18 -29.49 -13.23
C LYS A 44 -5.84 -29.15 -14.57
N SER A 45 -6.92 -28.37 -14.53
CA SER A 45 -7.62 -28.02 -15.75
C SER A 45 -7.06 -26.74 -16.39
N ALA A 46 -6.13 -26.10 -15.70
CA ALA A 46 -5.52 -24.88 -16.21
C ALA A 46 -4.96 -25.12 -17.61
N ARG A 47 -5.31 -24.26 -18.55
CA ARG A 47 -4.84 -24.41 -19.91
C ARG A 47 -4.18 -23.13 -20.40
N ALA A 48 -3.45 -23.23 -21.50
CA ALA A 48 -2.76 -22.08 -22.08
C ALA A 48 -3.74 -21.10 -22.71
N GLN A 49 -3.35 -19.82 -22.75
CA GLN A 49 -4.17 -18.79 -23.36
C GLN A 49 -3.78 -18.69 -24.82
N ALA A 50 -4.61 -18.00 -25.61
CA ALA A 50 -4.38 -17.87 -27.04
C ALA A 50 -3.37 -16.83 -27.51
N SER A 51 -3.15 -15.78 -26.73
CA SER A 51 -2.20 -14.75 -27.14
C SER A 51 -1.45 -14.11 -25.98
N GLY A 52 -0.43 -13.32 -26.31
CA GLY A 52 0.35 -12.65 -25.29
C GLY A 52 1.74 -13.23 -25.15
N PRO A 53 2.74 -12.40 -24.79
CA PRO A 53 4.12 -12.89 -24.63
C PRO A 53 4.29 -13.99 -23.59
N LEU A 54 3.29 -14.17 -22.73
CA LEU A 54 3.37 -15.23 -21.72
C LEU A 54 2.45 -16.40 -21.99
N ARG A 55 1.91 -16.49 -23.20
CA ARG A 55 1.03 -17.60 -23.51
C ARG A 55 1.87 -18.88 -23.42
N GLY A 56 1.33 -19.90 -22.76
CA GLY A 56 2.05 -21.15 -22.60
C GLY A 56 2.99 -21.19 -21.39
N ILE A 57 2.92 -20.16 -20.55
CA ILE A 57 3.79 -20.08 -19.36
C ILE A 57 2.99 -20.35 -18.10
N ALA A 58 3.32 -21.44 -17.40
CA ALA A 58 2.62 -21.81 -16.18
C ALA A 58 3.20 -21.00 -15.00
N VAL A 59 2.33 -20.37 -14.23
CA VAL A 59 2.77 -19.57 -13.11
C VAL A 59 2.17 -19.95 -11.76
N GLY A 60 3.04 -20.11 -10.76
CA GLY A 60 2.60 -20.44 -9.42
C GLY A 60 2.48 -19.15 -8.63
N ILE A 61 1.42 -19.02 -7.84
CA ILE A 61 1.19 -17.80 -7.06
C ILE A 61 1.18 -18.03 -5.55
N LYS A 62 2.10 -17.39 -4.83
CA LYS A 62 2.16 -17.52 -3.37
C LYS A 62 0.77 -17.29 -2.80
N ASP A 63 0.33 -18.15 -1.88
CA ASP A 63 -1.03 -18.06 -1.36
C ASP A 63 -1.46 -16.93 -0.42
N ILE A 64 -0.83 -15.76 -0.54
CA ILE A 64 -1.25 -14.59 0.23
C ILE A 64 -1.65 -13.56 -0.84
N ILE A 65 -1.53 -13.97 -2.10
CA ILE A 65 -1.87 -13.16 -3.26
C ILE A 65 -3.25 -13.61 -3.76
N ASP A 66 -4.19 -12.65 -3.83
CA ASP A 66 -5.56 -12.93 -4.26
C ASP A 66 -5.74 -13.47 -5.68
N THR A 67 -6.58 -14.49 -5.79
CA THR A 67 -6.96 -15.08 -7.08
C THR A 67 -8.47 -15.21 -6.96
N ALA A 68 -9.18 -14.99 -8.06
CA ALA A 68 -10.63 -15.07 -8.05
C ALA A 68 -11.22 -16.46 -8.31
N ASN A 69 -10.45 -17.33 -8.94
CA ASN A 69 -10.93 -18.68 -9.28
C ASN A 69 -10.40 -19.78 -8.35
N MET A 70 -9.50 -19.41 -7.45
CA MET A 70 -8.93 -20.35 -6.50
C MET A 70 -8.88 -19.69 -5.13
N PRO A 71 -9.03 -20.49 -4.06
CA PRO A 71 -8.98 -19.91 -2.71
C PRO A 71 -7.61 -19.27 -2.44
N THR A 72 -7.58 -18.37 -1.46
CA THR A 72 -6.35 -17.71 -1.05
C THR A 72 -6.38 -17.87 0.47
N GLU A 73 -5.71 -18.90 0.96
CA GLU A 73 -5.72 -19.23 2.37
C GLU A 73 -4.67 -18.67 3.31
N MET A 74 -3.80 -17.81 2.80
CA MET A 74 -2.78 -17.16 3.62
C MET A 74 -1.90 -18.08 4.45
N GLY A 75 -1.92 -19.37 4.17
CA GLY A 75 -1.12 -20.31 4.93
C GLY A 75 -1.62 -20.38 6.37
N SER A 76 -2.86 -19.97 6.58
CA SER A 76 -3.46 -19.94 7.91
C SER A 76 -4.82 -20.62 7.97
N GLU A 77 -5.12 -21.24 9.11
CA GLU A 77 -6.41 -21.92 9.32
C GLU A 77 -7.52 -20.87 9.37
N ILE A 78 -7.15 -19.67 9.81
CA ILE A 78 -8.12 -18.58 9.92
C ILE A 78 -8.76 -18.30 8.56
N TYR A 79 -8.02 -18.53 7.49
CA TYR A 79 -8.52 -18.30 6.15
C TYR A 79 -8.80 -19.57 5.33
N ARG A 80 -9.00 -20.68 6.03
CA ARG A 80 -9.31 -21.94 5.34
C ARG A 80 -10.53 -21.74 4.45
N GLY A 81 -10.39 -22.05 3.16
CA GLY A 81 -11.50 -21.89 2.24
C GLY A 81 -11.81 -20.49 1.74
N TRP A 82 -11.13 -19.47 2.28
CA TRP A 82 -11.38 -18.08 1.88
C TRP A 82 -11.25 -17.88 0.36
N GLN A 83 -12.25 -17.25 -0.22
CA GLN A 83 -12.26 -17.02 -1.65
C GLN A 83 -12.38 -15.55 -2.02
N PRO A 84 -11.27 -14.94 -2.47
CA PRO A 84 -11.35 -13.52 -2.84
C PRO A 84 -12.27 -13.36 -4.05
N ARG A 85 -12.86 -12.17 -4.16
CA ARG A 85 -13.76 -11.86 -5.26
C ARG A 85 -12.98 -11.57 -6.54
N SER A 86 -11.83 -10.93 -6.40
CA SER A 86 -11.04 -10.55 -7.57
C SER A 86 -9.61 -11.08 -7.57
N ASP A 87 -8.95 -10.94 -8.72
CA ASP A 87 -7.56 -11.34 -8.85
C ASP A 87 -6.73 -10.12 -8.48
N ALA A 88 -5.62 -10.34 -7.78
CA ALA A 88 -4.75 -9.24 -7.39
C ALA A 88 -4.20 -8.60 -8.67
N PRO A 89 -3.91 -7.29 -8.62
CA PRO A 89 -3.37 -6.60 -9.79
C PRO A 89 -2.14 -7.28 -10.40
N VAL A 90 -1.24 -7.81 -9.58
CA VAL A 90 -0.06 -8.49 -10.12
C VAL A 90 -0.48 -9.77 -10.83
N VAL A 91 -1.55 -10.39 -10.35
CA VAL A 91 -2.06 -11.60 -11.01
C VAL A 91 -2.63 -11.21 -12.36
N MET A 92 -3.31 -10.07 -12.42
CA MET A 92 -3.89 -9.60 -13.67
C MET A 92 -2.81 -9.23 -14.67
N MET A 93 -1.68 -8.73 -14.19
CA MET A 93 -0.58 -8.35 -15.08
C MET A 93 -0.12 -9.59 -15.85
N LEU A 94 -0.09 -10.72 -15.16
CA LEU A 94 0.31 -11.98 -15.77
C LEU A 94 -0.77 -12.51 -16.71
N LYS A 95 -2.02 -12.49 -16.24
CA LYS A 95 -3.12 -12.97 -17.05
C LYS A 95 -3.30 -12.15 -18.32
N ARG A 96 -3.18 -10.83 -18.21
CA ARG A 96 -3.34 -9.99 -19.38
C ARG A 96 -2.24 -10.25 -20.39
N ALA A 97 -1.10 -10.74 -19.91
CA ALA A 97 0.03 -11.04 -20.77
C ALA A 97 -0.08 -12.44 -21.39
N GLY A 98 -1.13 -13.17 -21.00
CA GLY A 98 -1.34 -14.50 -21.55
C GLY A 98 -0.89 -15.66 -20.69
N ALA A 99 -0.37 -15.38 -19.50
CA ALA A 99 0.09 -16.44 -18.62
C ALA A 99 -1.04 -17.35 -18.16
N THR A 100 -0.66 -18.51 -17.64
CA THR A 100 -1.60 -19.49 -17.12
C THR A 100 -1.37 -19.57 -15.62
N ILE A 101 -2.41 -19.30 -14.82
CA ILE A 101 -2.26 -19.39 -13.37
C ILE A 101 -2.50 -20.86 -13.03
N ILE A 102 -1.41 -21.62 -12.95
CA ILE A 102 -1.50 -23.05 -12.71
C ILE A 102 -1.82 -23.49 -11.28
N GLY A 103 -1.55 -22.62 -10.30
CA GLY A 103 -1.85 -22.98 -8.92
C GLY A 103 -1.39 -21.98 -7.87
N LYS A 104 -1.75 -22.23 -6.62
CA LYS A 104 -1.33 -21.36 -5.52
C LYS A 104 -0.22 -22.08 -4.77
N THR A 105 0.96 -21.47 -4.69
CA THR A 105 2.08 -22.08 -3.98
C THR A 105 2.01 -21.82 -2.48
N THR A 106 2.50 -22.77 -1.69
CA THR A 106 2.47 -22.67 -0.24
C THR A 106 3.18 -21.45 0.32
N THR A 107 2.65 -20.94 1.42
CA THR A 107 3.24 -19.80 2.11
C THR A 107 3.14 -20.09 3.60
N THR A 108 4.09 -19.59 4.37
CA THR A 108 4.04 -19.76 5.81
C THR A 108 2.86 -18.88 6.23
N ALA A 109 2.31 -19.14 7.41
CA ALA A 109 1.18 -18.36 7.91
C ALA A 109 1.48 -16.87 7.86
N PHE A 110 0.68 -16.13 7.10
CA PHE A 110 0.83 -14.68 6.95
C PHE A 110 2.23 -14.24 6.56
N ALA A 111 2.90 -15.10 5.78
CA ALA A 111 4.25 -14.83 5.29
C ALA A 111 5.28 -14.59 6.39
N SER A 112 5.16 -15.30 7.51
CA SER A 112 6.12 -15.14 8.59
C SER A 112 7.02 -16.37 8.78
N ARG A 113 7.43 -16.64 10.01
CA ARG A 113 8.35 -17.74 10.32
C ARG A 113 7.85 -19.19 10.43
N ASP A 114 6.55 -19.41 10.53
CA ASP A 114 6.01 -20.76 10.68
C ASP A 114 6.16 -21.64 9.44
N PRO A 115 7.02 -22.68 9.53
CA PRO A 115 7.30 -23.61 8.43
C PRO A 115 6.08 -24.28 7.83
N THR A 116 6.07 -24.38 6.51
CA THR A 116 4.99 -25.07 5.80
C THR A 116 5.44 -26.53 5.75
N ALA A 117 4.71 -27.36 5.01
CA ALA A 117 5.06 -28.76 4.89
C ALA A 117 5.95 -28.98 3.67
N THR A 118 6.13 -27.92 2.89
CA THR A 118 6.95 -27.98 1.69
C THR A 118 8.39 -28.41 2.00
N LEU A 119 8.99 -29.17 1.09
CA LEU A 119 10.33 -29.67 1.28
C LEU A 119 11.27 -29.17 0.18
N ASN A 120 12.56 -29.11 0.49
CA ASN A 120 13.56 -28.65 -0.47
C ASN A 120 13.68 -29.66 -1.61
N PRO A 121 13.59 -29.19 -2.86
CA PRO A 121 13.68 -30.03 -4.06
C PRO A 121 15.01 -30.77 -4.14
N HIS A 122 16.07 -30.10 -3.67
CA HIS A 122 17.42 -30.67 -3.70
C HIS A 122 17.69 -31.70 -2.61
N ASN A 123 16.84 -31.72 -1.58
CA ASN A 123 17.00 -32.66 -0.48
C ASN A 123 15.78 -32.60 0.42
N THR A 124 14.90 -33.58 0.27
CA THR A 124 13.65 -33.68 1.02
C THR A 124 13.80 -33.59 2.54
N GLY A 125 15.02 -33.68 3.04
CA GLY A 125 15.21 -33.61 4.48
C GLY A 125 15.51 -32.20 4.94
N HIS A 126 15.48 -31.26 4.00
CA HIS A 126 15.76 -29.87 4.31
C HIS A 126 14.64 -28.91 3.94
N SER A 127 14.61 -27.79 4.63
CA SER A 127 13.61 -26.75 4.41
C SER A 127 13.92 -26.04 3.10
N PRO A 128 12.87 -25.61 2.38
CA PRO A 128 13.05 -24.91 1.11
C PRO A 128 13.20 -23.41 1.38
N GLY A 129 13.15 -23.04 2.65
CA GLY A 129 13.24 -21.64 3.03
C GLY A 129 11.82 -21.07 3.16
N GLY A 130 11.72 -19.77 3.42
CA GLY A 130 10.43 -19.13 3.54
C GLY A 130 10.56 -17.62 3.39
N SER A 131 9.44 -16.89 3.32
CA SER A 131 8.11 -17.47 3.48
C SER A 131 7.51 -17.95 2.16
N SER A 132 8.13 -17.56 1.04
CA SER A 132 7.65 -17.98 -0.28
C SER A 132 8.13 -19.41 -0.54
N SER A 133 7.87 -20.29 0.42
CA SER A 133 8.30 -21.69 0.34
C SER A 133 7.89 -22.44 -0.94
N GLY A 134 6.61 -22.43 -1.25
CA GLY A 134 6.14 -23.13 -2.43
C GLY A 134 6.61 -22.60 -3.76
N SER A 135 6.74 -21.27 -3.88
CA SER A 135 7.17 -20.67 -5.13
C SER A 135 8.62 -21.01 -5.47
N ALA A 136 9.50 -20.94 -4.47
CA ALA A 136 10.91 -21.26 -4.68
C ALA A 136 11.07 -22.75 -4.93
N ALA A 137 10.37 -23.57 -4.15
CA ALA A 137 10.45 -25.03 -4.28
C ALA A 137 9.92 -25.51 -5.64
N ALA A 138 8.76 -25.01 -6.05
CA ALA A 138 8.16 -25.42 -7.32
C ALA A 138 9.11 -25.12 -8.49
N VAL A 139 9.70 -23.93 -8.49
CA VAL A 139 10.61 -23.54 -9.55
C VAL A 139 11.92 -24.33 -9.47
N GLY A 140 12.37 -24.60 -8.25
CA GLY A 140 13.60 -25.35 -8.08
C GLY A 140 13.45 -26.81 -8.46
N ALA A 141 12.24 -27.35 -8.30
CA ALA A 141 11.96 -28.74 -8.64
C ALA A 141 11.63 -28.88 -10.12
N GLY A 142 11.70 -27.77 -10.85
CA GLY A 142 11.41 -27.78 -12.27
C GLY A 142 9.93 -27.99 -12.59
N MET A 143 9.07 -27.59 -11.65
CA MET A 143 7.63 -27.74 -11.84
C MET A 143 7.00 -26.66 -12.71
N ILE A 144 7.54 -25.45 -12.64
CA ILE A 144 7.01 -24.32 -13.40
C ILE A 144 8.12 -23.34 -13.76
N PRO A 145 7.96 -22.57 -14.85
CA PRO A 145 8.96 -21.61 -15.30
C PRO A 145 8.91 -20.26 -14.56
N LEU A 146 7.87 -20.05 -13.76
CA LEU A 146 7.75 -18.77 -13.06
C LEU A 146 6.83 -18.88 -11.85
N ALA A 147 7.12 -18.07 -10.85
CA ALA A 147 6.30 -18.05 -9.64
C ALA A 147 6.40 -16.70 -8.98
N LEU A 148 5.32 -16.28 -8.33
CA LEU A 148 5.34 -15.02 -7.63
C LEU A 148 5.47 -15.28 -6.14
N GLY A 149 6.15 -14.38 -5.46
CA GLY A 149 6.31 -14.50 -4.02
C GLY A 149 6.31 -13.09 -3.46
N THR A 150 6.70 -12.94 -2.21
CA THR A 150 6.77 -11.62 -1.60
C THR A 150 7.88 -11.63 -0.57
N GLN A 151 8.38 -10.44 -0.25
CA GLN A 151 9.45 -10.33 0.74
C GLN A 151 9.24 -9.12 1.63
N THR A 152 9.28 -9.37 2.93
CA THR A 152 9.13 -8.35 3.96
C THR A 152 10.49 -8.29 4.66
N GLY A 153 11.03 -9.47 4.91
CA GLY A 153 12.33 -9.60 5.53
C GLY A 153 13.26 -10.20 4.50
N GLY A 154 13.09 -11.50 4.22
CA GLY A 154 13.93 -12.14 3.21
C GLY A 154 13.20 -13.25 2.47
N SER A 155 11.88 -13.20 2.48
CA SER A 155 11.04 -14.22 1.87
C SER A 155 11.15 -14.51 0.37
N VAL A 156 11.97 -13.77 -0.35
CA VAL A 156 12.15 -14.05 -1.78
C VAL A 156 13.59 -14.49 -2.03
N ILE A 157 14.55 -13.65 -1.63
CA ILE A 157 15.95 -13.98 -1.86
C ILE A 157 16.42 -15.25 -1.16
N ARG A 158 16.11 -15.38 0.12
CA ARG A 158 16.54 -16.56 0.87
C ARG A 158 16.02 -17.90 0.35
N PRO A 159 14.70 -18.05 0.19
CA PRO A 159 14.23 -19.35 -0.31
C PRO A 159 14.74 -19.67 -1.72
N ALA A 160 14.95 -18.62 -2.52
CA ALA A 160 15.46 -18.82 -3.87
C ALA A 160 16.86 -19.41 -3.74
N ALA A 161 17.67 -18.78 -2.91
CA ALA A 161 19.04 -19.23 -2.68
C ALA A 161 19.05 -20.67 -2.16
N TYR A 162 18.19 -20.96 -1.18
CA TYR A 162 18.11 -22.31 -0.61
C TYR A 162 17.74 -23.35 -1.67
N CYS A 163 16.85 -22.98 -2.58
CA CYS A 163 16.37 -23.88 -3.62
C CYS A 163 17.15 -23.79 -4.93
N GLY A 164 18.18 -22.97 -4.96
CA GLY A 164 18.98 -22.82 -6.16
C GLY A 164 18.30 -22.23 -7.39
N THR A 165 17.34 -21.34 -7.19
CA THR A 165 16.67 -20.73 -8.34
C THR A 165 17.06 -19.27 -8.41
N ALA A 166 16.84 -18.67 -9.57
CA ALA A 166 17.11 -17.25 -9.74
C ALA A 166 15.86 -16.59 -9.18
N ALA A 167 15.99 -15.32 -8.76
CA ALA A 167 14.83 -14.61 -8.23
C ALA A 167 15.18 -13.15 -8.08
N ILE A 168 14.15 -12.31 -8.09
CA ILE A 168 14.38 -10.88 -7.93
C ILE A 168 13.30 -10.24 -7.09
N LYS A 169 13.73 -9.36 -6.20
CA LYS A 169 12.82 -8.57 -5.38
C LYS A 169 13.03 -7.22 -6.02
N PRO A 170 12.11 -6.81 -6.91
CA PRO A 170 12.21 -5.53 -7.61
C PRO A 170 12.28 -4.35 -6.66
N SER A 171 12.49 -3.17 -7.22
CA SER A 171 12.54 -1.97 -6.40
C SER A 171 11.21 -1.88 -5.65
N PHE A 172 11.27 -1.43 -4.41
CA PHE A 172 10.10 -1.27 -3.57
C PHE A 172 8.96 -0.52 -4.27
N ARG A 173 7.75 -1.06 -4.14
CA ARG A 173 6.55 -0.46 -4.72
C ARG A 173 6.45 -0.43 -6.25
N MET A 174 7.39 -1.06 -6.96
CA MET A 174 7.28 -1.06 -8.41
C MET A 174 6.06 -1.89 -8.81
N LEU A 175 5.96 -3.08 -8.23
CA LEU A 175 4.82 -3.97 -8.48
C LEU A 175 3.85 -3.69 -7.34
N PRO A 176 2.55 -3.54 -7.65
CA PRO A 176 1.57 -3.25 -6.60
C PRO A 176 1.33 -4.39 -5.62
N THR A 177 1.06 -4.05 -4.37
CA THR A 177 0.80 -5.05 -3.35
C THR A 177 -0.71 -5.11 -3.05
N VAL A 178 -1.50 -4.45 -3.89
CA VAL A 178 -2.95 -4.49 -3.76
C VAL A 178 -3.32 -5.97 -3.92
N GLY A 179 -4.22 -6.48 -3.09
CA GLY A 179 -4.60 -7.87 -3.19
C GLY A 179 -3.54 -8.82 -2.67
N VAL A 180 -2.61 -8.29 -1.89
CA VAL A 180 -1.54 -9.08 -1.29
C VAL A 180 -1.59 -8.88 0.23
N LYS A 181 -1.84 -9.96 0.95
CA LYS A 181 -1.95 -9.90 2.40
C LYS A 181 -0.77 -9.16 3.00
N CYS A 182 -1.05 -8.05 3.68
CA CYS A 182 0.01 -7.24 4.26
C CYS A 182 0.58 -7.77 5.56
N TYR A 183 1.89 -7.58 5.69
CA TYR A 183 2.65 -7.96 6.89
C TYR A 183 3.14 -6.60 7.42
N SER A 184 3.86 -5.87 6.56
CA SER A 184 4.37 -4.54 6.89
C SER A 184 4.35 -3.76 5.58
N TRP A 185 3.47 -2.76 5.49
CA TRP A 185 3.33 -1.94 4.29
C TRP A 185 4.56 -1.12 3.91
N ALA A 186 5.45 -0.89 4.86
CA ALA A 186 6.66 -0.13 4.58
C ALA A 186 7.69 -1.06 3.97
N LEU A 187 7.43 -2.37 4.03
CA LEU A 187 8.35 -3.37 3.53
C LEU A 187 7.87 -4.32 2.43
N ASP A 188 6.68 -4.86 2.58
CA ASP A 188 6.12 -5.82 1.61
C ASP A 188 6.44 -5.45 0.17
N THR A 189 7.11 -6.36 -0.52
CA THR A 189 7.49 -6.17 -1.92
C THR A 189 7.28 -7.49 -2.66
N VAL A 190 6.61 -7.43 -3.80
CA VAL A 190 6.36 -8.61 -4.62
C VAL A 190 7.64 -9.02 -5.32
N GLY A 191 7.85 -10.34 -5.47
CA GLY A 191 9.04 -10.83 -6.13
C GLY A 191 8.75 -11.97 -7.08
N LEU A 192 9.72 -12.29 -7.94
CA LEU A 192 9.59 -13.36 -8.92
C LEU A 192 10.68 -14.42 -8.80
N PHE A 193 10.31 -15.67 -9.08
CA PHE A 193 11.23 -16.80 -9.06
C PHE A 193 11.26 -17.36 -10.48
N GLY A 194 12.45 -17.69 -10.96
CA GLY A 194 12.60 -18.24 -12.29
C GLY A 194 13.87 -19.08 -12.35
N ALA A 195 14.22 -19.58 -13.53
CA ALA A 195 15.43 -20.39 -13.65
C ALA A 195 16.67 -19.51 -13.72
N ARG A 196 16.64 -18.50 -14.58
CA ARG A 196 17.78 -17.61 -14.73
C ARG A 196 17.36 -16.14 -14.74
N ALA A 197 18.35 -15.25 -14.61
CA ALA A 197 18.10 -13.81 -14.62
C ALA A 197 17.28 -13.39 -15.83
N GLU A 198 17.64 -13.93 -16.98
CA GLU A 198 16.94 -13.61 -18.23
C GLU A 198 15.46 -13.94 -18.16
N ASP A 199 15.11 -14.99 -17.43
CA ASP A 199 13.72 -15.39 -17.30
C ASP A 199 12.98 -14.36 -16.46
N LEU A 200 13.64 -13.85 -15.42
CA LEU A 200 13.05 -12.82 -14.57
C LEU A 200 12.82 -11.56 -15.40
N ALA A 201 13.76 -11.24 -16.28
CA ALA A 201 13.65 -10.06 -17.12
C ALA A 201 12.45 -10.13 -18.05
N ARG A 202 12.29 -11.26 -18.74
CA ARG A 202 11.16 -11.44 -19.66
C ARG A 202 9.85 -11.42 -18.86
N GLY A 203 9.91 -11.86 -17.62
CA GLY A 203 8.72 -11.87 -16.79
C GLY A 203 8.27 -10.46 -16.46
N LEU A 204 9.18 -9.64 -15.97
CA LEU A 204 8.87 -8.26 -15.62
C LEU A 204 8.48 -7.42 -16.84
N LEU A 205 9.05 -7.76 -18.00
CA LEU A 205 8.75 -7.02 -19.21
C LEU A 205 7.27 -7.23 -19.56
N ALA A 206 6.83 -8.48 -19.49
CA ALA A 206 5.45 -8.83 -19.79
C ALA A 206 4.46 -8.25 -18.77
N MET A 207 4.86 -8.26 -17.50
CA MET A 207 3.99 -7.75 -16.44
C MET A 207 3.87 -6.23 -16.44
N THR A 208 4.97 -5.54 -16.71
CA THR A 208 5.01 -4.08 -16.68
C THR A 208 5.00 -3.34 -18.00
N GLY A 209 5.48 -3.98 -19.07
CA GLY A 209 5.50 -3.31 -20.36
C GLY A 209 6.52 -2.18 -20.37
N ARG A 210 7.42 -2.18 -19.40
CA ARG A 210 8.45 -1.16 -19.30
C ARG A 210 9.66 -1.47 -20.17
N SER A 211 9.99 -0.56 -21.08
CA SER A 211 11.11 -0.73 -22.01
C SER A 211 12.42 -1.17 -21.35
N GLU A 212 12.67 -0.71 -20.13
CA GLU A 212 13.89 -1.07 -19.42
C GLU A 212 14.12 -2.56 -19.29
N PHE A 213 13.05 -3.36 -19.33
CA PHE A 213 13.19 -4.81 -19.22
C PHE A 213 13.20 -5.47 -20.59
N SER A 214 13.30 -4.66 -21.64
CA SER A 214 13.32 -5.17 -23.00
C SER A 214 14.73 -5.08 -23.58
N GLY A 215 15.22 -6.20 -24.10
CA GLY A 215 16.54 -6.23 -24.69
C GLY A 215 17.68 -6.24 -23.70
N ILE A 216 17.42 -6.75 -22.50
CA ILE A 216 18.45 -6.83 -21.47
C ILE A 216 19.49 -7.87 -21.89
N VAL A 217 20.76 -7.51 -21.76
CA VAL A 217 21.86 -8.39 -22.13
C VAL A 217 22.85 -8.42 -20.96
N PRO A 218 23.67 -9.49 -20.86
CA PRO A 218 24.63 -9.55 -19.75
C PRO A 218 25.45 -8.28 -19.65
N ALA A 219 25.78 -7.88 -18.42
CA ALA A 219 26.56 -6.68 -18.20
C ALA A 219 28.02 -6.92 -18.60
N LYS A 220 28.69 -5.84 -18.99
CA LYS A 220 30.10 -5.91 -19.38
C LYS A 220 30.99 -5.27 -18.32
N ALA A 221 31.96 -6.04 -17.83
CA ALA A 221 32.88 -5.56 -16.81
C ALA A 221 32.19 -4.72 -15.74
N PRO A 222 31.30 -5.35 -14.95
CA PRO A 222 30.58 -4.63 -13.89
C PRO A 222 31.53 -4.16 -12.80
N ARG A 223 31.15 -3.08 -12.12
CA ARG A 223 31.95 -2.52 -11.03
C ARG A 223 31.26 -2.99 -9.76
N ILE A 224 31.79 -4.06 -9.17
CA ILE A 224 31.20 -4.65 -7.98
C ILE A 224 31.79 -4.29 -6.64
N GLY A 225 30.90 -4.00 -5.69
CA GLY A 225 31.30 -3.68 -4.34
C GLY A 225 30.86 -4.84 -3.48
N VAL A 226 31.81 -5.51 -2.83
CA VAL A 226 31.50 -6.66 -1.99
C VAL A 226 31.24 -6.25 -0.54
N VAL A 227 30.10 -6.64 -0.01
CA VAL A 227 29.75 -6.32 1.38
C VAL A 227 29.33 -7.59 2.10
N ARG A 228 30.03 -7.91 3.18
CA ARG A 228 29.72 -9.11 3.94
C ARG A 228 28.76 -8.87 5.10
N GLN A 229 28.22 -7.66 5.16
CA GLN A 229 27.27 -7.30 6.21
C GLN A 229 27.70 -7.81 7.58
N GLU A 230 28.80 -7.25 8.09
CA GLU A 230 29.31 -7.66 9.39
C GLU A 230 28.27 -7.44 10.48
N PHE A 231 27.50 -6.37 10.34
CA PHE A 231 26.46 -6.04 11.31
C PHE A 231 25.40 -7.14 11.44
N ALA A 232 25.35 -8.03 10.46
CA ALA A 232 24.38 -9.13 10.47
C ALA A 232 24.89 -10.36 11.20
N GLY A 233 26.11 -10.28 11.72
CA GLY A 233 26.66 -11.40 12.45
C GLY A 233 27.56 -12.32 11.65
N ALA A 234 27.92 -13.45 12.27
CA ALA A 234 28.79 -14.44 11.67
C ALA A 234 28.07 -15.28 10.63
N VAL A 235 28.65 -15.38 9.45
CA VAL A 235 28.06 -16.16 8.36
C VAL A 235 28.60 -17.59 8.41
N GLU A 236 27.91 -18.51 7.75
CA GLU A 236 28.35 -19.89 7.72
C GLU A 236 29.35 -20.11 6.59
N PRO A 237 30.32 -21.02 6.79
CA PRO A 237 31.35 -21.31 5.80
C PRO A 237 30.84 -21.46 4.37
N ALA A 238 29.83 -22.31 4.17
CA ALA A 238 29.27 -22.54 2.83
C ALA A 238 28.90 -21.23 2.13
N ALA A 239 28.32 -20.29 2.88
CA ALA A 239 27.93 -19.01 2.30
C ALA A 239 29.16 -18.23 1.83
N GLU A 240 30.20 -18.22 2.65
CA GLU A 240 31.43 -17.52 2.28
C GLU A 240 32.07 -18.23 1.10
N GLN A 241 31.98 -19.56 1.06
CA GLN A 241 32.54 -20.32 -0.05
C GLN A 241 31.87 -19.87 -1.36
N GLY A 242 30.56 -19.72 -1.32
CA GLY A 242 29.84 -19.30 -2.52
C GLY A 242 30.25 -17.91 -2.94
N LEU A 243 30.30 -16.98 -1.99
CA LEU A 243 30.68 -15.60 -2.28
C LEU A 243 32.07 -15.48 -2.89
N GLN A 244 33.02 -16.26 -2.41
CA GLN A 244 34.36 -16.20 -2.97
C GLN A 244 34.38 -16.79 -4.37
N ALA A 245 33.61 -17.85 -4.58
CA ALA A 245 33.53 -18.49 -5.88
C ALA A 245 32.97 -17.50 -6.90
N ALA A 246 31.97 -16.74 -6.47
CA ALA A 246 31.34 -15.74 -7.33
C ALA A 246 32.30 -14.61 -7.65
N ILE A 247 33.02 -14.14 -6.63
CA ILE A 247 33.98 -13.05 -6.81
C ILE A 247 35.07 -13.48 -7.77
N LYS A 248 35.56 -14.70 -7.61
CA LYS A 248 36.62 -15.24 -8.46
C LYS A 248 36.14 -15.31 -9.91
N ALA A 249 34.94 -15.84 -10.11
CA ALA A 249 34.37 -15.94 -11.46
C ALA A 249 34.20 -14.56 -12.09
N ALA A 250 33.65 -13.63 -11.33
CA ALA A 250 33.42 -12.27 -11.81
C ALA A 250 34.72 -11.58 -12.26
N GLU A 251 35.78 -11.78 -11.48
CA GLU A 251 37.06 -11.18 -11.82
C GLU A 251 37.59 -11.74 -13.14
N ARG A 252 37.58 -13.07 -13.26
CA ARG A 252 38.05 -13.73 -14.47
C ARG A 252 37.23 -13.33 -15.68
N ALA A 253 36.04 -12.78 -15.44
CA ALA A 253 35.15 -12.35 -16.52
C ALA A 253 35.36 -10.90 -16.91
N GLY A 254 36.14 -10.17 -16.11
CA GLY A 254 36.41 -8.77 -16.43
C GLY A 254 35.82 -7.74 -15.49
N ALA A 255 35.17 -8.21 -14.42
CA ALA A 255 34.58 -7.28 -13.46
C ALA A 255 35.63 -6.72 -12.50
N SER A 256 35.43 -5.49 -12.07
CA SER A 256 36.35 -4.87 -11.12
C SER A 256 35.69 -5.07 -9.76
N VAL A 257 36.31 -5.88 -8.91
CA VAL A 257 35.76 -6.17 -7.60
C VAL A 257 36.55 -5.53 -6.47
N GLN A 258 35.84 -4.93 -5.53
CA GLN A 258 36.47 -4.27 -4.38
C GLN A 258 35.59 -4.41 -3.15
N ALA A 259 36.21 -4.78 -2.03
CA ALA A 259 35.48 -4.93 -0.79
C ALA A 259 35.19 -3.54 -0.25
N ILE A 260 34.00 -3.35 0.30
CA ILE A 260 33.64 -2.05 0.85
C ILE A 260 32.88 -2.18 2.15
N ASP A 261 33.00 -1.15 2.99
CA ASP A 261 32.31 -1.11 4.27
C ASP A 261 31.09 -0.22 4.09
N LEU A 262 29.96 -0.65 4.63
CA LEU A 262 28.74 0.13 4.53
C LEU A 262 28.68 1.21 5.60
N PRO A 263 28.13 2.38 5.26
CA PRO A 263 28.01 3.51 6.17
C PRO A 263 27.35 3.09 7.50
N GLU A 264 27.69 3.81 8.57
CA GLU A 264 27.13 3.54 9.89
C GLU A 264 25.62 3.64 9.88
N ALA A 265 25.09 4.59 9.09
CA ALA A 265 23.66 4.78 8.99
C ALA A 265 22.95 3.54 8.46
N VAL A 266 23.63 2.80 7.58
CA VAL A 266 23.06 1.59 6.99
C VAL A 266 23.06 0.46 8.01
N HIS A 267 24.09 0.39 8.84
CA HIS A 267 24.15 -0.65 9.86
C HIS A 267 22.93 -0.46 10.76
N GLU A 268 22.66 0.79 11.11
CA GLU A 268 21.54 1.13 11.98
C GLU A 268 20.20 0.78 11.33
N ALA A 269 20.08 1.05 10.03
CA ALA A 269 18.85 0.73 9.32
C ALA A 269 18.60 -0.77 9.42
N TRP A 270 19.68 -1.55 9.37
CA TRP A 270 19.57 -3.00 9.48
C TRP A 270 19.05 -3.35 10.88
N ARG A 271 19.56 -2.64 11.89
CA ARG A 271 19.16 -2.90 13.26
C ARG A 271 17.68 -2.62 13.52
N ILE A 272 17.15 -1.53 12.96
CA ILE A 272 15.76 -1.20 13.22
C ILE A 272 14.71 -1.78 12.27
N HIS A 273 15.13 -2.66 11.37
CA HIS A 273 14.17 -3.27 10.45
C HIS A 273 13.08 -4.01 11.24
N PRO A 274 13.46 -4.75 12.29
CA PRO A 274 12.49 -5.49 13.11
C PRO A 274 11.44 -4.57 13.76
N ILE A 275 11.86 -3.37 14.15
CA ILE A 275 10.97 -2.40 14.78
C ILE A 275 9.84 -2.02 13.82
N ILE A 276 10.23 -1.63 12.61
CA ILE A 276 9.27 -1.24 11.58
C ILE A 276 8.36 -2.42 11.24
N GLN A 277 8.97 -3.56 10.93
CA GLN A 277 8.21 -4.75 10.57
C GLN A 277 7.20 -5.17 11.62
N ASP A 278 7.65 -5.35 12.85
CA ASP A 278 6.77 -5.80 13.92
C ASP A 278 5.76 -4.78 14.42
N PHE A 279 6.11 -3.50 14.43
CA PHE A 279 5.16 -2.50 14.87
C PHE A 279 4.01 -2.48 13.88
N GLU A 280 4.38 -2.47 12.59
CA GLU A 280 3.39 -2.44 11.52
C GLU A 280 2.59 -3.73 11.42
N ALA A 281 3.23 -4.85 11.71
CA ALA A 281 2.54 -6.14 11.64
C ALA A 281 1.37 -6.13 12.62
N HIS A 282 1.57 -5.53 13.79
CA HIS A 282 0.51 -5.46 14.79
C HIS A 282 -0.72 -4.71 14.27
N ARG A 283 -0.48 -3.68 13.45
CA ARG A 283 -1.57 -2.89 12.87
C ARG A 283 -2.16 -3.64 11.68
N ALA A 284 -1.30 -4.20 10.85
CA ALA A 284 -1.72 -4.92 9.65
C ALA A 284 -2.46 -6.21 9.92
N LEU A 285 -2.16 -6.83 11.06
CA LEU A 285 -2.82 -8.09 11.43
C LEU A 285 -3.63 -7.89 12.71
N ALA A 286 -4.10 -6.65 12.92
CA ALA A 286 -4.87 -6.34 14.12
C ALA A 286 -6.12 -7.20 14.28
N TRP A 287 -6.90 -7.36 13.22
CA TRP A 287 -8.11 -8.16 13.30
C TRP A 287 -7.82 -9.60 13.71
N GLU A 288 -6.83 -10.22 13.07
CA GLU A 288 -6.45 -11.59 13.38
C GLU A 288 -5.94 -11.75 14.81
N PHE A 289 -5.11 -10.81 15.24
CA PHE A 289 -4.52 -10.82 16.57
C PHE A 289 -5.54 -10.58 17.69
N SER A 290 -6.53 -9.71 17.43
CA SER A 290 -7.56 -9.40 18.43
C SER A 290 -8.72 -10.40 18.45
N GLU A 291 -9.10 -10.92 17.29
CA GLU A 291 -10.25 -11.84 17.21
C GLU A 291 -9.92 -13.32 17.05
N HIS A 292 -8.70 -13.64 16.61
CA HIS A 292 -8.31 -15.02 16.39
C HIS A 292 -6.87 -15.24 16.82
N HIS A 293 -6.54 -14.70 18.00
CA HIS A 293 -5.19 -14.80 18.54
C HIS A 293 -4.62 -16.21 18.59
N ASP A 294 -5.29 -17.10 19.31
CA ASP A 294 -4.81 -18.47 19.46
C ASP A 294 -4.75 -19.27 18.15
N GLU A 295 -5.41 -18.78 17.11
CA GLU A 295 -5.41 -19.45 15.82
C GLU A 295 -4.22 -19.06 14.95
N ILE A 296 -3.48 -18.04 15.37
CA ILE A 296 -2.31 -17.59 14.61
C ILE A 296 -1.20 -18.60 14.86
N ALA A 297 -0.57 -19.08 13.78
CA ALA A 297 0.51 -20.06 13.90
C ALA A 297 1.47 -19.64 15.04
N PRO A 298 1.93 -20.63 15.83
CA PRO A 298 2.84 -20.50 16.97
C PRO A 298 3.98 -19.49 16.92
N MET A 299 4.81 -19.59 15.90
CA MET A 299 5.97 -18.70 15.80
C MET A 299 5.60 -17.24 15.56
N LEU A 300 4.66 -17.00 14.65
CA LEU A 300 4.22 -15.64 14.39
C LEU A 300 3.49 -15.11 15.61
N ARG A 301 2.67 -15.96 16.22
CA ARG A 301 1.91 -15.55 17.40
C ARG A 301 2.84 -15.11 18.51
N ALA A 302 3.96 -15.82 18.66
CA ALA A 302 4.94 -15.51 19.69
C ALA A 302 5.65 -14.20 19.38
N SER A 303 6.08 -14.03 18.14
CA SER A 303 6.78 -12.81 17.76
C SER A 303 5.87 -11.60 17.97
N LEU A 304 4.59 -11.74 17.68
CA LEU A 304 3.64 -10.65 17.89
C LEU A 304 3.44 -10.41 19.38
N ASP A 305 3.29 -11.47 20.15
CA ASP A 305 3.08 -11.34 21.60
C ASP A 305 4.24 -10.59 22.25
N ALA A 306 5.46 -10.86 21.80
CA ALA A 306 6.64 -10.21 22.36
C ALA A 306 6.78 -8.75 21.93
N THR A 307 6.01 -8.33 20.93
CA THR A 307 6.14 -6.95 20.43
C THR A 307 4.90 -6.06 20.59
N VAL A 308 3.94 -6.46 21.42
CA VAL A 308 2.76 -5.64 21.60
C VAL A 308 3.12 -4.28 22.17
N GLY A 309 4.27 -4.18 22.83
CA GLY A 309 4.69 -2.95 23.45
C GLY A 309 5.48 -1.94 22.63
N LEU A 310 5.76 -2.24 21.36
CA LEU A 310 6.51 -1.29 20.54
C LEU A 310 5.67 -0.02 20.45
N THR A 311 6.31 1.12 20.64
CA THR A 311 5.62 2.41 20.64
C THR A 311 5.69 3.19 19.32
N PRO A 312 4.68 4.05 19.08
CA PRO A 312 4.61 4.88 17.88
C PRO A 312 5.87 5.75 17.81
N LYS A 313 6.35 6.13 19.01
CA LYS A 313 7.55 6.95 19.14
C LYS A 313 8.79 6.24 18.65
N GLU A 314 9.07 5.04 19.17
CA GLU A 314 10.25 4.32 18.73
C GLU A 314 10.09 3.87 17.28
N TYR A 315 8.85 3.65 16.87
CA TYR A 315 8.55 3.25 15.50
C TYR A 315 8.84 4.43 14.57
N ASP A 316 8.37 5.61 14.92
CA ASP A 316 8.63 6.78 14.08
C ASP A 316 10.14 7.02 14.00
N GLU A 317 10.83 6.81 15.11
CA GLU A 317 12.28 7.00 15.14
C GLU A 317 12.97 5.96 14.26
N ALA A 318 12.45 4.74 14.25
CA ALA A 318 13.04 3.68 13.43
C ALA A 318 12.95 4.07 11.97
N ARG A 319 11.78 4.55 11.55
CA ARG A 319 11.60 4.95 10.16
C ARG A 319 12.54 6.10 9.81
N ARG A 320 12.77 7.02 10.76
CA ARG A 320 13.68 8.13 10.52
C ARG A 320 15.05 7.55 10.21
N ILE A 321 15.44 6.56 11.01
CA ILE A 321 16.72 5.88 10.84
C ILE A 321 16.76 5.20 9.49
N GLY A 322 15.62 4.67 9.06
CA GLY A 322 15.56 4.02 7.77
C GLY A 322 15.88 5.00 6.66
N ARG A 323 15.22 6.17 6.68
CA ARG A 323 15.45 7.18 5.67
C ARG A 323 16.91 7.62 5.62
N ARG A 324 17.54 7.78 6.78
CA ARG A 324 18.95 8.18 6.81
C ARG A 324 19.77 7.09 6.15
N GLY A 325 19.38 5.84 6.40
CA GLY A 325 20.09 4.72 5.81
C GLY A 325 20.01 4.78 4.30
N ARG A 326 18.80 4.99 3.78
CA ARG A 326 18.62 5.07 2.34
C ARG A 326 19.47 6.18 1.74
N ARG A 327 19.35 7.38 2.29
CA ARG A 327 20.11 8.52 1.79
C ARG A 327 21.61 8.29 1.73
N GLU A 328 22.16 7.57 2.70
CA GLU A 328 23.58 7.33 2.70
C GLU A 328 23.99 6.14 1.84
N LEU A 329 23.05 5.25 1.58
CA LEU A 329 23.33 4.09 0.74
C LEU A 329 23.52 4.54 -0.70
N GLY A 330 22.73 5.51 -1.12
CA GLY A 330 22.82 6.02 -2.48
C GLY A 330 24.21 6.52 -2.82
N GLU A 331 24.89 7.09 -1.82
CA GLU A 331 26.23 7.62 -2.02
C GLU A 331 27.21 6.49 -2.34
N VAL A 332 26.96 5.31 -1.76
CA VAL A 332 27.80 4.15 -1.98
C VAL A 332 27.83 3.73 -3.46
N PHE A 333 26.72 3.93 -4.16
CA PHE A 333 26.64 3.55 -5.56
C PHE A 333 27.27 4.54 -6.53
N GLU A 334 28.07 5.47 -6.02
CA GLU A 334 28.72 6.43 -6.88
C GLU A 334 29.98 5.82 -7.48
N GLY A 335 30.55 4.85 -6.76
CA GLY A 335 31.76 4.19 -7.23
C GLY A 335 31.57 2.80 -7.75
N VAL A 336 30.41 2.19 -7.46
CA VAL A 336 30.13 0.83 -7.92
C VAL A 336 28.74 0.75 -8.56
N ASP A 337 28.58 -0.14 -9.53
CA ASP A 337 27.31 -0.32 -10.20
C ASP A 337 26.40 -1.22 -9.37
N VAL A 338 27.00 -2.22 -8.74
CA VAL A 338 26.24 -3.15 -7.92
C VAL A 338 27.00 -3.59 -6.68
N LEU A 339 26.23 -4.11 -5.72
CA LEU A 339 26.79 -4.63 -4.50
C LEU A 339 26.56 -6.13 -4.57
N LEU A 340 27.48 -6.89 -3.97
CA LEU A 340 27.39 -8.35 -3.97
C LEU A 340 27.53 -8.81 -2.52
N THR A 341 26.65 -9.70 -2.08
CA THR A 341 26.69 -10.19 -0.71
C THR A 341 26.03 -11.55 -0.61
N TYR A 342 25.84 -12.03 0.62
CA TYR A 342 25.22 -13.33 0.85
C TYR A 342 23.72 -13.25 0.60
N SER A 343 23.13 -14.39 0.22
CA SER A 343 21.70 -14.47 -0.01
C SER A 343 21.06 -15.11 1.21
N ALA A 344 21.88 -15.81 1.98
CA ALA A 344 21.42 -16.50 3.18
C ALA A 344 22.63 -16.79 4.06
N PRO A 345 22.38 -17.31 5.29
CA PRO A 345 23.44 -17.64 6.25
C PRO A 345 24.31 -18.81 5.77
N GLY A 346 23.70 -19.73 5.05
CA GLY A 346 24.40 -20.89 4.53
C GLY A 346 23.43 -21.82 3.82
N THR A 347 23.74 -23.11 3.78
CA THR A 347 22.86 -24.06 3.13
C THR A 347 21.53 -24.14 3.89
N ALA A 348 20.50 -24.63 3.22
CA ALA A 348 19.18 -24.73 3.85
C ALA A 348 19.19 -25.63 5.09
N PRO A 349 18.53 -25.18 6.17
CA PRO A 349 18.46 -25.92 7.42
C PRO A 349 17.63 -27.20 7.26
N ALA A 350 18.04 -28.26 7.95
CA ALA A 350 17.31 -29.52 7.90
C ALA A 350 15.92 -29.25 8.47
N LYS A 351 14.91 -29.93 7.92
CA LYS A 351 13.53 -29.75 8.37
C LYS A 351 13.39 -29.95 9.88
N ALA A 352 14.18 -30.88 10.43
CA ALA A 352 14.13 -31.17 11.85
C ALA A 352 14.36 -29.94 12.72
N LEU A 353 15.10 -28.96 12.21
CA LEU A 353 15.36 -27.75 13.00
C LEU A 353 14.11 -26.87 13.07
N ALA A 354 13.10 -27.22 12.28
CA ALA A 354 11.86 -26.47 12.24
C ALA A 354 12.12 -24.98 12.04
N SER A 355 12.91 -24.64 11.03
CA SER A 355 13.22 -23.26 10.74
C SER A 355 13.36 -23.01 9.25
N THR A 356 12.84 -21.87 8.78
CA THR A 356 12.93 -21.51 7.38
C THR A 356 14.19 -20.70 7.08
N GLY A 357 15.04 -20.55 8.09
CA GLY A 357 16.27 -19.80 7.89
C GLY A 357 16.16 -18.38 8.43
N ASP A 358 17.30 -17.80 8.79
CA ASP A 358 17.38 -16.44 9.33
C ASP A 358 17.50 -15.43 8.18
N PRO A 359 16.59 -14.46 8.10
CA PRO A 359 16.59 -13.44 7.05
C PRO A 359 17.56 -12.29 7.31
N ARG A 360 18.43 -12.43 8.30
CA ARG A 360 19.34 -11.34 8.64
C ARG A 360 20.20 -10.76 7.51
N TYR A 361 20.50 -11.54 6.48
CA TYR A 361 21.30 -11.01 5.38
C TYR A 361 20.42 -10.48 4.26
N ASN A 362 19.11 -10.51 4.48
CA ASN A 362 18.13 -10.05 3.49
C ASN A 362 17.37 -8.78 3.88
N ARG A 363 16.95 -8.70 5.14
CA ARG A 363 16.13 -7.58 5.63
C ARG A 363 16.55 -6.15 5.34
N LEU A 364 17.82 -5.82 5.50
CA LEU A 364 18.28 -4.46 5.24
C LEU A 364 17.81 -3.98 3.87
N TRP A 365 18.08 -4.79 2.85
CA TRP A 365 17.74 -4.45 1.49
C TRP A 365 16.24 -4.31 1.19
N THR A 366 15.41 -4.97 1.98
CA THR A 366 13.98 -4.85 1.77
C THR A 366 13.58 -3.46 2.25
N LEU A 367 14.23 -2.99 3.32
CA LEU A 367 13.95 -1.67 3.88
C LEU A 367 14.57 -0.57 3.01
N MET A 368 15.76 -0.83 2.45
CA MET A 368 16.40 0.16 1.60
C MET A 368 15.59 0.25 0.31
N GLY A 369 15.02 -0.88 -0.11
CA GLY A 369 14.19 -0.92 -1.30
C GLY A 369 14.84 -1.29 -2.62
N ASN A 370 16.17 -1.28 -2.65
CA ASN A 370 16.92 -1.59 -3.86
C ASN A 370 16.53 -2.91 -4.48
N PRO A 371 16.71 -3.03 -5.81
CA PRO A 371 16.36 -4.30 -6.45
C PRO A 371 17.44 -5.32 -6.06
N CYS A 372 17.00 -6.51 -5.68
CA CYS A 372 17.91 -7.58 -5.28
C CYS A 372 17.67 -8.80 -6.16
N VAL A 373 18.75 -9.48 -6.53
CA VAL A 373 18.66 -10.66 -7.39
C VAL A 373 19.53 -11.80 -6.86
N ASN A 374 18.96 -13.00 -6.80
CA ASN A 374 19.72 -14.15 -6.34
C ASN A 374 20.35 -14.89 -7.51
N VAL A 375 21.66 -15.09 -7.43
CA VAL A 375 22.41 -15.79 -8.46
C VAL A 375 22.94 -17.11 -7.91
N PRO A 376 22.41 -18.25 -8.39
CA PRO A 376 22.88 -19.55 -7.91
C PRO A 376 24.38 -19.64 -8.19
N VAL A 377 25.15 -20.14 -7.23
CA VAL A 377 26.61 -20.24 -7.41
C VAL A 377 27.14 -21.66 -7.37
N LEU A 378 26.87 -22.37 -6.28
CA LEU A 378 27.35 -23.74 -6.13
C LEU A 378 26.50 -24.51 -5.14
N LYS A 379 26.93 -25.72 -4.82
CA LYS A 379 26.22 -26.56 -3.87
C LYS A 379 27.23 -27.21 -2.93
N VAL A 380 26.88 -27.26 -1.64
CA VAL A 380 27.73 -27.89 -0.65
C VAL A 380 26.94 -29.04 -0.07
N GLY A 381 27.50 -30.24 -0.16
CA GLY A 381 26.80 -31.40 0.37
C GLY A 381 25.45 -31.56 -0.32
N GLY A 382 25.36 -31.10 -1.56
CA GLY A 382 24.11 -31.23 -2.30
C GLY A 382 23.11 -30.11 -2.14
N LEU A 383 23.37 -29.16 -1.24
CA LEU A 383 22.46 -28.03 -1.02
C LEU A 383 22.97 -26.75 -1.66
N PRO A 384 22.11 -26.07 -2.44
CA PRO A 384 22.47 -24.82 -3.11
C PRO A 384 22.90 -23.67 -2.21
N ILE A 385 23.78 -22.83 -2.76
CA ILE A 385 24.30 -21.65 -2.08
C ILE A 385 24.35 -20.58 -3.18
N GLY A 386 23.77 -19.42 -2.92
CA GLY A 386 23.79 -18.37 -3.91
C GLY A 386 24.32 -17.06 -3.38
N VAL A 387 24.46 -16.08 -4.27
CA VAL A 387 24.91 -14.75 -3.90
C VAL A 387 23.83 -13.73 -4.28
N GLN A 388 23.84 -12.59 -3.61
CA GLN A 388 22.84 -11.56 -3.85
C GLN A 388 23.39 -10.30 -4.53
N VAL A 389 22.87 -10.03 -5.73
CA VAL A 389 23.28 -8.86 -6.52
C VAL A 389 22.31 -7.70 -6.26
N ILE A 390 22.85 -6.56 -5.86
CA ILE A 390 22.02 -5.40 -5.55
C ILE A 390 22.45 -4.13 -6.28
N ALA A 391 21.48 -3.46 -6.92
CA ALA A 391 21.80 -2.24 -7.63
C ALA A 391 21.13 -1.05 -6.97
N ARG A 392 21.35 0.13 -7.54
CA ARG A 392 20.77 1.36 -7.02
C ARG A 392 19.25 1.29 -7.16
N PHE A 393 18.53 1.96 -6.27
CA PHE A 393 17.07 1.97 -6.31
C PHE A 393 16.60 2.43 -7.68
N GLY A 394 15.67 1.68 -8.27
CA GLY A 394 15.16 2.04 -9.58
C GLY A 394 15.94 1.45 -10.74
N ASN A 395 17.01 0.73 -10.45
CA ASN A 395 17.84 0.13 -11.49
C ASN A 395 17.74 -1.39 -11.54
N ASP A 396 16.51 -1.89 -11.57
CA ASP A 396 16.26 -3.32 -11.62
C ASP A 396 16.89 -3.92 -12.88
N ALA A 397 16.83 -3.17 -13.97
CA ALA A 397 17.39 -3.64 -15.23
C ALA A 397 18.86 -3.98 -15.06
N HIS A 398 19.63 -3.07 -14.49
CA HIS A 398 21.06 -3.32 -14.31
C HIS A 398 21.34 -4.45 -13.34
N ALA A 399 20.48 -4.61 -12.34
CA ALA A 399 20.66 -5.70 -11.38
C ALA A 399 20.58 -7.03 -12.14
N LEU A 400 19.53 -7.18 -12.94
CA LEU A 400 19.32 -8.40 -13.72
C LEU A 400 20.45 -8.58 -14.73
N ALA A 401 20.90 -7.47 -15.29
CA ALA A 401 21.98 -7.45 -16.27
C ALA A 401 23.27 -8.00 -15.69
N THR A 402 23.60 -7.56 -14.47
CA THR A 402 24.81 -8.00 -13.79
C THR A 402 24.67 -9.43 -13.28
N ALA A 403 23.47 -9.78 -12.84
CA ALA A 403 23.22 -11.14 -12.37
C ALA A 403 23.48 -12.11 -13.50
N TRP A 404 23.07 -11.71 -14.71
CA TRP A 404 23.25 -12.52 -15.91
C TRP A 404 24.75 -12.68 -16.15
N PHE A 405 25.44 -11.55 -16.18
CA PHE A 405 26.89 -11.53 -16.36
C PHE A 405 27.52 -12.52 -15.39
N LEU A 406 27.04 -12.51 -14.15
CA LEU A 406 27.55 -13.39 -13.12
C LEU A 406 27.25 -14.85 -13.41
N GLU A 407 26.05 -15.13 -13.89
CA GLU A 407 25.66 -16.49 -14.22
C GLU A 407 26.60 -17.09 -15.27
N ASP A 408 26.88 -16.33 -16.32
CA ASP A 408 27.76 -16.80 -17.37
C ASP A 408 29.21 -16.89 -16.92
N ALA A 409 29.61 -15.99 -16.03
CA ALA A 409 30.96 -15.98 -15.50
C ALA A 409 31.21 -17.30 -14.77
N LEU A 410 30.24 -17.72 -13.96
CA LEU A 410 30.36 -18.97 -13.22
C LEU A 410 30.32 -20.16 -14.16
N ALA A 411 29.76 -19.97 -15.34
CA ALA A 411 29.65 -21.03 -16.34
C ALA A 411 30.98 -21.23 -17.07
N LYS A 412 31.96 -20.42 -16.72
CA LYS A 412 33.29 -20.47 -17.32
C LYS A 412 33.22 -20.05 -18.79
N MET B 1 -24.21 19.46 14.55
CA MET B 1 -23.33 18.26 14.43
C MET B 1 -22.90 17.75 15.80
N ILE B 2 -22.62 16.45 15.88
CA ILE B 2 -22.19 15.86 17.13
C ILE B 2 -20.68 15.95 17.28
N SER B 3 -20.25 16.44 18.44
CA SER B 3 -18.84 16.59 18.75
C SER B 3 -18.28 15.38 19.50
N LEU B 4 -17.25 14.76 18.93
CA LEU B 4 -16.62 13.60 19.54
C LEU B 4 -15.94 13.96 20.87
N ALA B 5 -15.21 15.07 20.88
CA ALA B 5 -14.51 15.51 22.08
C ALA B 5 -15.46 15.79 23.24
N ASP B 6 -16.64 16.34 22.93
CA ASP B 6 -17.63 16.64 23.95
C ASP B 6 -18.18 15.35 24.57
N LEU B 7 -18.55 14.39 23.73
CA LEU B 7 -19.06 13.13 24.24
C LEU B 7 -17.97 12.53 25.13
N GLN B 8 -16.73 12.59 24.64
CA GLN B 8 -15.59 12.06 25.38
C GLN B 8 -15.47 12.60 26.79
N ARG B 9 -15.62 13.92 26.93
CA ARG B 9 -15.54 14.55 28.25
C ARG B 9 -16.72 14.22 29.14
N ARG B 10 -17.93 14.21 28.57
CA ARG B 10 -19.12 13.89 29.35
C ARG B 10 -19.14 12.42 29.75
N ILE B 11 -18.55 11.57 28.92
CA ILE B 11 -18.49 10.15 29.23
C ILE B 11 -17.42 9.93 30.30
N GLU B 12 -16.29 10.63 30.16
CA GLU B 12 -15.19 10.50 31.11
C GLU B 12 -15.52 10.97 32.53
N THR B 13 -16.40 11.96 32.65
CA THR B 13 -16.78 12.45 33.98
C THR B 13 -17.95 11.65 34.52
N GLY B 14 -18.46 10.73 33.72
CA GLY B 14 -19.57 9.89 34.15
C GLY B 14 -20.93 10.51 33.89
N GLU B 15 -20.96 11.66 33.24
CA GLU B 15 -22.21 12.34 32.93
C GLU B 15 -23.02 11.58 31.87
N LEU B 16 -22.34 10.91 30.96
CA LEU B 16 -22.99 10.16 29.89
C LEU B 16 -22.41 8.75 29.82
N SER B 17 -23.28 7.74 29.77
CA SER B 17 -22.82 6.37 29.69
C SER B 17 -22.55 6.02 28.23
N PRO B 18 -21.63 5.08 27.98
CA PRO B 18 -21.35 4.70 26.58
C PRO B 18 -22.60 4.24 25.86
N ASN B 19 -23.46 3.49 26.56
CA ASN B 19 -24.69 2.99 25.97
C ASN B 19 -25.65 4.10 25.54
N ALA B 20 -25.73 5.16 26.35
CA ALA B 20 -26.61 6.27 26.00
C ALA B 20 -26.04 7.01 24.81
N ALA B 21 -24.73 7.21 24.81
CA ALA B 21 -24.06 7.89 23.71
C ALA B 21 -24.37 7.19 22.38
N ILE B 22 -24.22 5.86 22.37
CA ILE B 22 -24.50 5.08 21.16
C ILE B 22 -25.98 5.11 20.83
N ALA B 23 -26.84 5.03 21.84
CA ALA B 23 -28.28 5.08 21.60
C ALA B 23 -28.62 6.41 20.94
N GLN B 24 -27.86 7.45 21.31
CA GLN B 24 -28.02 8.79 20.76
C GLN B 24 -27.77 8.78 19.25
N SER B 25 -26.66 8.17 18.85
CA SER B 25 -26.30 8.09 17.45
C SER B 25 -27.34 7.34 16.65
N HIS B 26 -27.75 6.16 17.14
CA HIS B 26 -28.75 5.37 16.44
C HIS B 26 -29.98 6.21 16.14
N ALA B 27 -30.43 6.95 17.14
CA ALA B 27 -31.59 7.82 16.99
C ALA B 27 -31.35 8.96 16.01
N ALA B 28 -30.15 9.55 16.05
CA ALA B 28 -29.79 10.64 15.16
C ALA B 28 -29.78 10.15 13.71
N ILE B 29 -29.33 8.91 13.51
CA ILE B 29 -29.29 8.32 12.18
C ILE B 29 -30.70 8.04 11.71
N GLU B 30 -31.50 7.49 12.62
CA GLU B 30 -32.89 7.16 12.34
C GLU B 30 -33.70 8.40 11.95
N ALA B 31 -33.39 9.52 12.59
CA ALA B 31 -34.10 10.77 12.36
C ALA B 31 -33.88 11.44 10.99
N ARG B 32 -32.73 11.21 10.36
CA ARG B 32 -32.45 11.85 9.08
C ARG B 32 -32.06 10.94 7.92
N GLU B 33 -31.64 9.71 8.20
CA GLU B 33 -31.22 8.81 7.15
C GLU B 33 -32.21 8.65 6.00
N LYS B 34 -33.51 8.66 6.31
CA LYS B 34 -34.50 8.51 5.26
C LYS B 34 -34.48 9.68 4.29
N GLU B 35 -33.98 10.82 4.74
CA GLU B 35 -33.94 11.96 3.83
C GLU B 35 -32.55 12.24 3.27
N VAL B 36 -31.51 11.76 3.95
CA VAL B 36 -30.13 11.98 3.50
C VAL B 36 -29.54 10.79 2.74
N HIS B 37 -29.93 9.58 3.12
CA HIS B 37 -29.44 8.37 2.46
C HIS B 37 -27.92 8.30 2.52
N ALA B 38 -27.37 8.51 3.70
CA ALA B 38 -25.91 8.52 3.86
C ALA B 38 -25.29 7.15 4.15
N PHE B 39 -26.11 6.18 4.53
CA PHE B 39 -25.60 4.85 4.84
C PHE B 39 -25.99 3.75 3.86
N VAL B 40 -25.02 2.87 3.55
CA VAL B 40 -25.30 1.74 2.68
C VAL B 40 -25.91 0.72 3.66
N ARG B 41 -25.38 0.72 4.89
CA ARG B 41 -25.85 -0.19 5.91
C ARG B 41 -25.69 0.38 7.32
N HIS B 42 -26.82 0.51 8.02
CA HIS B 42 -26.83 1.00 9.39
C HIS B 42 -27.05 -0.23 10.27
N ASP B 43 -26.05 -0.60 11.04
CA ASP B 43 -26.16 -1.77 11.92
C ASP B 43 -26.86 -1.30 13.20
N LYS B 44 -28.18 -1.46 13.22
CA LYS B 44 -28.98 -1.05 14.37
C LYS B 44 -28.64 -1.74 15.68
N SER B 45 -27.96 -2.88 15.61
CA SER B 45 -27.61 -3.62 16.82
C SER B 45 -26.25 -3.26 17.38
N ALA B 46 -25.51 -2.40 16.67
CA ALA B 46 -24.18 -1.99 17.10
C ALA B 46 -24.24 -1.44 18.52
N ARG B 47 -23.38 -1.96 19.40
CA ARG B 47 -23.38 -1.52 20.78
C ARG B 47 -22.09 -0.83 21.19
N ALA B 48 -22.15 -0.11 22.30
CA ALA B 48 -21.00 0.61 22.83
C ALA B 48 -20.07 -0.38 23.54
N GLN B 49 -18.80 -0.02 23.63
CA GLN B 49 -17.84 -0.85 24.34
C GLN B 49 -17.70 -0.22 25.72
N ALA B 50 -17.26 -1.01 26.69
CA ALA B 50 -17.12 -0.55 28.08
C ALA B 50 -15.90 0.29 28.40
N SER B 51 -14.85 0.17 27.61
CA SER B 51 -13.63 0.92 27.88
C SER B 51 -12.95 1.48 26.65
N GLY B 52 -11.95 2.32 26.87
CA GLY B 52 -11.23 2.93 25.78
C GLY B 52 -11.60 4.39 25.58
N PRO B 53 -10.67 5.20 25.08
CA PRO B 53 -10.97 6.62 24.86
C PRO B 53 -12.14 6.87 23.92
N LEU B 54 -12.45 5.91 23.06
CA LEU B 54 -13.56 6.09 22.13
C LEU B 54 -14.83 5.31 22.52
N ARG B 55 -14.88 4.83 23.76
CA ARG B 55 -16.08 4.11 24.20
C ARG B 55 -17.26 5.06 24.07
N GLY B 56 -18.36 4.58 23.48
CA GLY B 56 -19.54 5.41 23.32
C GLY B 56 -19.53 6.28 22.06
N ILE B 57 -18.47 6.17 21.27
CA ILE B 57 -18.32 6.94 20.03
C ILE B 57 -18.71 6.12 18.80
N ALA B 58 -19.77 6.52 18.11
CA ALA B 58 -20.22 5.84 16.90
C ALA B 58 -19.44 6.34 15.69
N VAL B 59 -19.00 5.42 14.83
CA VAL B 59 -18.24 5.83 13.65
C VAL B 59 -18.77 5.22 12.36
N GLY B 60 -18.92 6.06 11.34
CA GLY B 60 -19.39 5.60 10.05
C GLY B 60 -18.18 5.27 9.19
N ILE B 61 -18.26 4.20 8.40
CA ILE B 61 -17.13 3.78 7.59
C ILE B 61 -17.43 3.76 6.10
N LYS B 62 -16.71 4.59 5.33
CA LYS B 62 -16.89 4.65 3.88
C LYS B 62 -16.83 3.22 3.35
N ASP B 63 -17.77 2.86 2.47
CA ASP B 63 -17.85 1.49 1.99
C ASP B 63 -16.85 0.92 0.99
N ILE B 64 -15.61 1.39 1.04
CA ILE B 64 -14.54 0.81 0.22
C ILE B 64 -13.55 0.33 1.28
N ILE B 65 -13.92 0.53 2.54
CA ILE B 65 -13.09 0.13 3.67
C ILE B 65 -13.67 -1.16 4.26
N ASP B 66 -12.86 -2.21 4.27
CA ASP B 66 -13.26 -3.52 4.76
C ASP B 66 -13.78 -3.61 6.20
N THR B 67 -14.89 -4.31 6.36
CA THR B 67 -15.45 -4.59 7.67
C THR B 67 -15.76 -6.09 7.65
N ALA B 68 -15.51 -6.77 8.75
CA ALA B 68 -15.72 -8.22 8.83
C ALA B 68 -17.15 -8.63 9.18
N ASN B 69 -17.89 -7.73 9.82
CA ASN B 69 -19.27 -8.01 10.23
C ASN B 69 -20.35 -7.40 9.35
N MET B 70 -19.93 -6.54 8.41
CA MET B 70 -20.86 -5.89 7.49
C MET B 70 -20.26 -5.95 6.09
N PRO B 71 -21.11 -6.01 5.05
CA PRO B 71 -20.58 -6.06 3.69
C PRO B 71 -19.78 -4.81 3.34
N THR B 72 -18.95 -4.93 2.32
CA THR B 72 -18.15 -3.82 1.82
C THR B 72 -18.39 -3.92 0.32
N GLU B 73 -19.37 -3.16 -0.17
CA GLU B 73 -19.77 -3.23 -1.57
C GLU B 73 -19.11 -2.29 -2.57
N MET B 74 -18.14 -1.49 -2.11
CA MET B 74 -17.39 -0.59 -3.00
C MET B 74 -18.24 0.36 -3.84
N GLY B 75 -19.48 0.57 -3.45
CA GLY B 75 -20.35 1.44 -4.21
C GLY B 75 -20.60 0.92 -5.62
N SER B 76 -20.37 -0.37 -5.82
CA SER B 76 -20.55 -1.00 -7.13
C SER B 76 -21.37 -2.29 -7.11
N GLU B 77 -22.15 -2.49 -8.16
CA GLU B 77 -22.98 -3.69 -8.29
C GLU B 77 -22.06 -4.89 -8.42
N ILE B 78 -20.82 -4.65 -8.84
CA ILE B 78 -19.85 -5.72 -9.01
C ILE B 78 -19.54 -6.38 -7.67
N TYR B 79 -19.65 -5.62 -6.59
CA TYR B 79 -19.40 -6.13 -5.25
C TYR B 79 -20.66 -6.22 -4.38
N ARG B 80 -21.80 -6.39 -5.02
CA ARG B 80 -23.06 -6.51 -4.29
C ARG B 80 -22.93 -7.72 -3.37
N GLY B 81 -23.24 -7.52 -2.10
CA GLY B 81 -23.17 -8.62 -1.14
C GLY B 81 -21.78 -9.11 -0.77
N TRP B 82 -20.73 -8.45 -1.26
CA TRP B 82 -19.36 -8.85 -0.94
C TRP B 82 -19.05 -8.68 0.55
N GLN B 83 -18.52 -9.72 1.17
CA GLN B 83 -18.20 -9.68 2.59
C GLN B 83 -16.73 -9.99 2.91
N PRO B 84 -15.94 -8.95 3.23
CA PRO B 84 -14.53 -9.17 3.54
C PRO B 84 -14.40 -10.10 4.74
N ARG B 85 -13.27 -10.79 4.84
CA ARG B 85 -13.03 -11.70 5.95
C ARG B 85 -12.59 -10.95 7.20
N SER B 86 -11.79 -9.90 7.02
CA SER B 86 -11.30 -9.12 8.16
C SER B 86 -11.64 -7.65 8.13
N ASP B 87 -11.54 -7.02 9.30
CA ASP B 87 -11.77 -5.59 9.42
C ASP B 87 -10.47 -4.95 8.98
N ALA B 88 -10.55 -3.86 8.22
CA ALA B 88 -9.33 -3.18 7.77
C ALA B 88 -8.58 -2.68 8.99
N PRO B 89 -7.25 -2.55 8.89
CA PRO B 89 -6.45 -2.06 10.01
C PRO B 89 -6.97 -0.75 10.63
N VAL B 90 -7.44 0.19 9.82
CA VAL B 90 -7.95 1.45 10.39
C VAL B 90 -9.22 1.22 11.19
N VAL B 91 -10.04 0.28 10.75
CA VAL B 91 -11.27 -0.03 11.47
C VAL B 91 -10.85 -0.61 12.82
N MET B 92 -9.86 -1.48 12.81
CA MET B 92 -9.38 -2.08 14.06
C MET B 92 -8.78 -1.03 14.99
N MET B 93 -8.19 0.03 14.42
CA MET B 93 -7.60 1.08 15.26
C MET B 93 -8.73 1.73 16.07
N LEU B 94 -9.88 1.87 15.46
CA LEU B 94 -11.04 2.46 16.12
C LEU B 94 -11.62 1.50 17.17
N LYS B 95 -11.79 0.24 16.79
CA LYS B 95 -12.34 -0.75 17.71
C LYS B 95 -11.45 -0.97 18.94
N ARG B 96 -10.15 -1.07 18.73
CA ARG B 96 -9.25 -1.28 19.86
C ARG B 96 -9.29 -0.10 20.82
N ALA B 97 -9.71 1.06 20.31
CA ALA B 97 -9.79 2.26 21.13
C ALA B 97 -11.13 2.33 21.88
N GLY B 98 -12.01 1.38 21.59
CA GLY B 98 -13.31 1.33 22.25
C GLY B 98 -14.48 1.87 21.44
N ALA B 99 -14.23 2.23 20.18
CA ALA B 99 -15.28 2.78 19.33
C ALA B 99 -16.29 1.76 18.85
N THR B 100 -17.43 2.25 18.37
CA THR B 100 -18.48 1.42 17.83
C THR B 100 -18.59 1.68 16.33
N ILE B 101 -18.51 0.62 15.53
CA ILE B 101 -18.63 0.75 14.07
C ILE B 101 -20.14 0.69 13.83
N ILE B 102 -20.76 1.86 13.66
CA ILE B 102 -22.20 1.91 13.52
C ILE B 102 -22.77 1.64 12.11
N GLY B 103 -21.94 1.63 11.09
CA GLY B 103 -22.44 1.37 9.76
C GLY B 103 -21.51 1.78 8.63
N LYS B 104 -21.84 1.38 7.41
CA LYS B 104 -21.03 1.71 6.24
C LYS B 104 -21.68 2.87 5.49
N THR B 105 -20.91 3.92 5.23
CA THR B 105 -21.42 5.09 4.54
C THR B 105 -21.20 4.97 3.02
N THR B 106 -22.09 5.59 2.26
CA THR B 106 -22.01 5.51 0.81
C THR B 106 -20.71 6.05 0.24
N THR B 107 -20.31 5.43 -0.87
CA THR B 107 -19.12 5.83 -1.61
C THR B 107 -19.51 5.70 -3.08
N THR B 108 -18.93 6.55 -3.92
CA THR B 108 -19.21 6.45 -5.33
C THR B 108 -18.54 5.13 -5.75
N ALA B 109 -18.95 4.58 -6.89
CA ALA B 109 -18.36 3.34 -7.36
C ALA B 109 -16.84 3.44 -7.46
N PHE B 110 -16.16 2.61 -6.69
CA PHE B 110 -14.69 2.58 -6.66
C PHE B 110 -14.08 3.95 -6.42
N ALA B 111 -14.77 4.75 -5.63
CA ALA B 111 -14.34 6.09 -5.22
C ALA B 111 -14.03 7.08 -6.35
N SER B 112 -14.77 6.99 -7.45
CA SER B 112 -14.56 7.89 -8.56
C SER B 112 -15.72 8.89 -8.74
N ARG B 113 -16.00 9.24 -9.99
CA ARG B 113 -17.03 10.22 -10.34
C ARG B 113 -18.53 9.92 -10.20
N ASP B 114 -18.94 8.69 -10.45
CA ASP B 114 -20.36 8.31 -10.40
C ASP B 114 -21.06 8.61 -9.09
N PRO B 115 -21.99 9.58 -9.11
CA PRO B 115 -22.75 9.98 -7.92
C PRO B 115 -23.51 8.87 -7.21
N THR B 116 -23.61 9.01 -5.89
CA THR B 116 -24.37 8.07 -5.06
C THR B 116 -25.74 8.72 -4.94
N ALA B 117 -26.66 8.09 -4.23
CA ALA B 117 -28.00 8.64 -4.05
C ALA B 117 -28.05 9.55 -2.83
N THR B 118 -26.93 9.69 -2.13
CA THR B 118 -26.86 10.52 -0.93
C THR B 118 -27.15 11.98 -1.26
N LEU B 119 -27.78 12.68 -0.33
CA LEU B 119 -28.13 14.09 -0.53
C LEU B 119 -27.48 14.99 0.52
N ASN B 120 -27.20 16.23 0.12
CA ASN B 120 -26.58 17.19 1.01
C ASN B 120 -27.53 17.53 2.16
N PRO B 121 -27.07 17.37 3.41
CA PRO B 121 -27.81 17.64 4.65
C PRO B 121 -28.40 19.05 4.72
N HIS B 122 -27.66 20.01 4.15
CA HIS B 122 -28.10 21.40 4.17
C HIS B 122 -29.16 21.75 3.14
N ASN B 123 -29.27 20.93 2.11
CA ASN B 123 -30.26 21.13 1.06
C ASN B 123 -30.27 19.88 0.19
N THR B 124 -31.26 19.04 0.40
CA THR B 124 -31.37 17.77 -0.30
C THR B 124 -31.44 17.85 -1.82
N GLY B 125 -31.41 19.05 -2.37
CA GLY B 125 -31.45 19.18 -3.82
C GLY B 125 -30.03 19.30 -4.35
N HIS B 126 -29.06 19.21 -3.44
CA HIS B 126 -27.66 19.32 -3.81
C HIS B 126 -26.83 18.11 -3.44
N SER B 127 -25.69 18.00 -4.12
CA SER B 127 -24.75 16.91 -3.90
C SER B 127 -24.01 17.11 -2.59
N PRO B 128 -23.66 16.02 -1.90
CA PRO B 128 -22.93 16.15 -0.63
C PRO B 128 -21.44 16.09 -0.96
N GLY B 129 -21.15 15.96 -2.25
CA GLY B 129 -19.79 15.85 -2.70
C GLY B 129 -19.43 14.38 -2.76
N GLY B 130 -18.17 14.09 -3.06
CA GLY B 130 -17.71 12.71 -3.15
C GLY B 130 -16.19 12.66 -3.20
N SER B 131 -15.60 11.48 -3.18
CA SER B 131 -16.33 10.21 -3.25
C SER B 131 -16.81 9.74 -1.86
N SER B 132 -16.31 10.37 -0.79
CA SER B 132 -16.72 9.99 0.57
C SER B 132 -18.07 10.67 0.89
N SER B 133 -19.04 10.47 0.01
CA SER B 133 -20.35 11.10 0.16
C SER B 133 -21.07 10.89 1.49
N GLY B 134 -21.34 9.64 1.84
CA GLY B 134 -22.05 9.35 3.07
C GLY B 134 -21.35 9.76 4.36
N SER B 135 -20.02 9.69 4.39
CA SER B 135 -19.29 10.08 5.58
C SER B 135 -19.46 11.58 5.86
N ALA B 136 -19.35 12.39 4.81
CA ALA B 136 -19.51 13.83 4.95
C ALA B 136 -20.96 14.15 5.32
N ALA B 137 -21.89 13.58 4.58
CA ALA B 137 -23.32 13.81 4.81
C ALA B 137 -23.80 13.38 6.20
N ALA B 138 -23.38 12.20 6.64
CA ALA B 138 -23.79 11.68 7.94
C ALA B 138 -23.33 12.57 9.09
N VAL B 139 -22.08 13.01 9.03
CA VAL B 139 -21.55 13.88 10.07
C VAL B 139 -22.22 15.23 9.93
N GLY B 140 -22.42 15.67 8.69
CA GLY B 140 -23.07 16.94 8.45
C GLY B 140 -24.51 17.00 8.90
N ALA B 141 -25.19 15.86 8.88
CA ALA B 141 -26.60 15.77 9.28
C ALA B 141 -26.75 15.55 10.78
N GLY B 142 -25.63 15.51 11.49
CA GLY B 142 -25.65 15.32 12.93
C GLY B 142 -25.96 13.91 13.38
N MET B 143 -25.73 12.93 12.51
CA MET B 143 -26.00 11.53 12.83
C MET B 143 -24.93 10.86 13.68
N ILE B 144 -23.67 11.19 13.39
CA ILE B 144 -22.54 10.57 14.09
C ILE B 144 -21.42 11.56 14.39
N PRO B 145 -20.63 11.28 15.43
CA PRO B 145 -19.51 12.15 15.80
C PRO B 145 -18.24 11.96 14.97
N LEU B 146 -18.13 10.82 14.29
CA LEU B 146 -16.94 10.56 13.49
C LEU B 146 -17.22 9.63 12.31
N ALA B 147 -16.44 9.81 11.25
CA ALA B 147 -16.57 8.98 10.06
C ALA B 147 -15.23 8.93 9.33
N LEU B 148 -14.97 7.80 8.69
CA LEU B 148 -13.74 7.63 7.92
C LEU B 148 -14.07 7.70 6.44
N GLY B 149 -13.15 8.30 5.69
CA GLY B 149 -13.32 8.40 4.25
C GLY B 149 -11.94 8.19 3.67
N THR B 150 -11.80 8.43 2.37
CA THR B 150 -10.49 8.31 1.73
C THR B 150 -10.40 9.43 0.71
N GLN B 151 -9.19 9.72 0.26
CA GLN B 151 -8.96 10.77 -0.74
C GLN B 151 -7.84 10.39 -1.69
N THR B 152 -8.13 10.49 -2.98
CA THR B 152 -7.16 10.22 -4.04
C THR B 152 -6.94 11.57 -4.72
N GLY B 153 -8.03 12.33 -4.79
CA GLY B 153 -8.00 13.66 -5.39
C GLY B 153 -8.54 14.64 -4.36
N GLY B 154 -9.86 14.64 -4.16
CA GLY B 154 -10.46 15.53 -3.19
C GLY B 154 -11.61 14.88 -2.43
N SER B 155 -11.64 13.55 -2.43
CA SER B 155 -12.72 12.81 -1.77
C SER B 155 -12.94 13.04 -0.28
N VAL B 156 -12.04 13.74 0.40
CA VAL B 156 -12.24 14.02 1.83
C VAL B 156 -12.50 15.50 2.08
N ILE B 157 -11.62 16.36 1.58
CA ILE B 157 -11.77 17.79 1.78
C ILE B 157 -12.97 18.41 1.06
N ARG B 158 -13.22 18.03 -0.19
CA ARG B 158 -14.34 18.61 -0.93
C ARG B 158 -15.71 18.31 -0.35
N PRO B 159 -16.04 17.02 -0.10
CA PRO B 159 -17.35 16.72 0.46
C PRO B 159 -17.52 17.29 1.88
N ALA B 160 -16.42 17.42 2.60
CA ALA B 160 -16.46 18.00 3.94
C ALA B 160 -16.88 19.47 3.79
N ALA B 161 -16.29 20.15 2.83
CA ALA B 161 -16.61 21.55 2.56
C ALA B 161 -18.08 21.69 2.18
N TYR B 162 -18.54 20.86 1.24
CA TYR B 162 -19.92 20.89 0.78
C TYR B 162 -20.93 20.65 1.91
N CYS B 163 -20.56 19.80 2.86
CA CYS B 163 -21.46 19.46 3.96
C CYS B 163 -21.22 20.24 5.25
N GLY B 164 -20.30 21.20 5.22
CA GLY B 164 -20.03 21.98 6.41
C GLY B 164 -19.47 21.25 7.62
N THR B 165 -18.62 20.24 7.38
CA THR B 165 -18.04 19.50 8.50
C THR B 165 -16.54 19.70 8.54
N ALA B 166 -15.95 19.42 9.69
CA ALA B 166 -14.51 19.52 9.83
C ALA B 166 -14.00 18.20 9.25
N ALA B 167 -12.80 18.21 8.69
CA ALA B 167 -12.27 16.97 8.13
C ALA B 167 -10.78 17.07 7.91
N ILE B 168 -10.11 15.93 7.94
CA ILE B 168 -8.68 15.92 7.71
C ILE B 168 -8.19 14.75 6.89
N LYS B 169 -7.31 15.06 5.93
CA LYS B 169 -6.65 14.05 5.13
C LYS B 169 -5.25 14.19 5.72
N PRO B 170 -4.90 13.30 6.65
CA PRO B 170 -3.59 13.31 7.30
C PRO B 170 -2.45 13.14 6.31
N SER B 171 -1.22 13.25 6.81
CA SER B 171 -0.03 13.08 5.99
C SER B 171 -0.11 11.74 5.29
N PHE B 172 0.27 11.72 4.02
CA PHE B 172 0.24 10.51 3.23
C PHE B 172 0.85 9.31 3.96
N ARG B 173 0.14 8.19 3.89
CA ARG B 173 0.54 6.92 4.49
C ARG B 173 0.66 6.81 6.00
N MET B 174 0.31 7.85 6.76
CA MET B 174 0.38 7.74 8.21
C MET B 174 -0.62 6.68 8.65
N LEU B 175 -1.80 6.69 8.05
CA LEU B 175 -2.81 5.68 8.35
C LEU B 175 -2.68 4.66 7.22
N PRO B 176 -2.65 3.37 7.56
CA PRO B 176 -2.52 2.31 6.56
C PRO B 176 -3.72 2.20 5.63
N THR B 177 -3.45 1.86 4.38
CA THR B 177 -4.50 1.69 3.39
C THR B 177 -4.81 0.21 3.19
N VAL B 178 -4.27 -0.62 4.07
CA VAL B 178 -4.54 -2.05 4.00
C VAL B 178 -6.05 -2.21 4.14
N GLY B 179 -6.66 -3.06 3.30
CA GLY B 179 -8.09 -3.27 3.39
C GLY B 179 -8.91 -2.08 2.92
N VAL B 180 -8.31 -1.22 2.12
CA VAL B 180 -8.99 -0.06 1.57
C VAL B 180 -8.91 -0.21 0.05
N LYS B 181 -10.05 -0.43 -0.60
CA LYS B 181 -10.10 -0.62 -2.05
C LYS B 181 -9.22 0.42 -2.73
N CYS B 182 -8.21 -0.06 -3.46
CA CYS B 182 -7.28 0.84 -4.13
C CYS B 182 -7.69 1.41 -5.47
N TYR B 183 -7.43 2.70 -5.64
CA TYR B 183 -7.70 3.37 -6.92
C TYR B 183 -6.32 3.77 -7.43
N SER B 184 -5.53 4.40 -6.56
CA SER B 184 -4.17 4.80 -6.88
C SER B 184 -3.34 4.67 -5.60
N TRP B 185 -2.43 3.69 -5.57
CA TRP B 185 -1.61 3.49 -4.39
C TRP B 185 -0.66 4.65 -4.12
N ALA B 186 -0.37 5.44 -5.15
CA ALA B 186 0.53 6.58 -4.98
C ALA B 186 -0.23 7.74 -4.34
N LEU B 187 -1.56 7.68 -4.38
CA LEU B 187 -2.40 8.76 -3.86
C LEU B 187 -3.33 8.43 -2.69
N ASP B 188 -4.04 7.30 -2.77
CA ASP B 188 -5.01 6.92 -1.72
C ASP B 188 -4.55 7.21 -0.30
N THR B 189 -5.35 8.02 0.40
CA THR B 189 -5.07 8.40 1.78
C THR B 189 -6.36 8.35 2.60
N VAL B 190 -6.31 7.71 3.77
CA VAL B 190 -7.49 7.65 4.61
C VAL B 190 -7.69 8.99 5.32
N GLY B 191 -8.94 9.41 5.47
CA GLY B 191 -9.23 10.67 6.12
C GLY B 191 -10.35 10.55 7.16
N LEU B 192 -10.53 11.60 7.94
CA LEU B 192 -11.56 11.62 8.98
C LEU B 192 -12.49 12.83 8.89
N PHE B 193 -13.76 12.59 9.24
CA PHE B 193 -14.78 13.63 9.26
C PHE B 193 -15.27 13.77 10.69
N GLY B 194 -15.49 15.01 11.12
CA GLY B 194 -15.96 15.27 12.47
C GLY B 194 -16.60 16.65 12.57
N ALA B 195 -17.12 16.99 13.74
CA ALA B 195 -17.75 18.30 13.93
C ALA B 195 -16.72 19.42 13.81
N ARG B 196 -15.66 19.34 14.60
CA ARG B 196 -14.61 20.36 14.61
C ARG B 196 -13.20 19.76 14.61
N ALA B 197 -12.21 20.61 14.35
CA ALA B 197 -10.82 20.18 14.32
C ALA B 197 -10.42 19.40 15.57
N GLU B 198 -10.90 19.85 16.73
CA GLU B 198 -10.58 19.18 17.99
C GLU B 198 -11.06 17.74 17.97
N ASP B 199 -12.21 17.50 17.35
CA ASP B 199 -12.76 16.16 17.29
C ASP B 199 -11.83 15.27 16.45
N LEU B 200 -11.25 15.86 15.41
CA LEU B 200 -10.34 15.12 14.54
C LEU B 200 -9.07 14.76 15.31
N ALA B 201 -8.59 15.70 16.12
CA ALA B 201 -7.38 15.46 16.91
C ALA B 201 -7.58 14.30 17.89
N ARG B 202 -8.70 14.31 18.59
CA ARG B 202 -9.02 13.25 19.55
C ARG B 202 -9.16 11.92 18.83
N GLY B 203 -9.70 11.97 17.62
CA GLY B 203 -9.86 10.76 16.84
C GLY B 203 -8.50 10.19 16.46
N LEU B 204 -7.61 11.02 15.91
CA LEU B 204 -6.29 10.57 15.51
C LEU B 204 -5.44 10.13 16.70
N LEU B 205 -5.65 10.75 17.86
CA LEU B 205 -4.90 10.38 19.05
C LEU B 205 -5.29 8.96 19.47
N ALA B 206 -6.59 8.71 19.51
CA ALA B 206 -7.10 7.40 19.91
C ALA B 206 -6.71 6.33 18.89
N MET B 207 -6.72 6.68 17.61
CA MET B 207 -6.39 5.73 16.55
C MET B 207 -4.91 5.39 16.47
N THR B 208 -4.07 6.41 16.58
CA THR B 208 -2.63 6.25 16.44
C THR B 208 -1.81 6.10 17.71
N GLY B 209 -2.20 6.82 18.76
CA GLY B 209 -1.45 6.76 20.01
C GLY B 209 -0.23 7.66 19.98
N ARG B 210 -0.13 8.51 18.95
CA ARG B 210 1.01 9.42 18.82
C ARG B 210 0.86 10.67 19.68
N SER B 211 1.87 10.95 20.49
CA SER B 211 1.87 12.11 21.38
C SER B 211 1.60 13.45 20.71
N GLU B 212 1.96 13.56 19.43
CA GLU B 212 1.73 14.80 18.70
C GLU B 212 0.26 15.19 18.66
N PHE B 213 -0.63 14.22 18.87
CA PHE B 213 -2.07 14.49 18.85
C PHE B 213 -2.62 14.71 20.24
N SER B 214 -1.78 14.54 21.25
CA SER B 214 -2.21 14.72 22.62
C SER B 214 -1.97 16.17 23.06
N GLY B 215 -2.92 16.74 23.78
CA GLY B 215 -2.79 18.10 24.25
C GLY B 215 -2.91 19.19 23.19
N ILE B 216 -3.46 18.87 22.03
CA ILE B 216 -3.62 19.88 20.99
C ILE B 216 -4.61 20.95 21.46
N VAL B 217 -4.23 22.21 21.26
CA VAL B 217 -5.05 23.35 21.66
C VAL B 217 -4.93 24.38 20.54
N PRO B 218 -5.93 25.28 20.39
CA PRO B 218 -5.87 26.30 19.33
C PRO B 218 -4.51 27.00 19.20
N ALA B 219 -4.04 27.17 17.97
CA ALA B 219 -2.76 27.84 17.72
C ALA B 219 -2.92 29.32 18.00
N LYS B 220 -1.82 30.07 17.97
CA LYS B 220 -1.86 31.51 18.22
C LYS B 220 -1.13 32.26 17.11
N ALA B 221 -1.67 33.40 16.70
CA ALA B 221 -1.08 34.23 15.65
C ALA B 221 -0.26 33.40 14.69
N PRO B 222 -0.89 32.44 13.98
CA PRO B 222 -0.17 31.59 13.02
C PRO B 222 0.28 32.37 11.80
N ARG B 223 1.27 31.82 11.09
CA ARG B 223 1.78 32.45 9.88
C ARG B 223 1.16 31.74 8.70
N ILE B 224 0.16 32.41 8.12
CA ILE B 224 -0.58 31.86 7.00
C ILE B 224 -0.15 32.39 5.63
N GLY B 225 0.01 31.47 4.68
CA GLY B 225 0.37 31.84 3.33
C GLY B 225 -0.77 31.46 2.41
N VAL B 226 -1.48 32.46 1.88
CA VAL B 226 -2.61 32.22 1.00
C VAL B 226 -2.23 31.83 -0.42
N VAL B 227 -2.70 30.67 -0.85
CA VAL B 227 -2.45 30.18 -2.20
C VAL B 227 -3.79 29.94 -2.90
N ARG B 228 -3.98 30.54 -4.07
CA ARG B 228 -5.23 30.40 -4.80
C ARG B 228 -5.19 29.38 -5.93
N GLN B 229 -4.07 28.66 -6.03
CA GLN B 229 -3.92 27.64 -7.06
C GLN B 229 -4.41 28.12 -8.43
N GLU B 230 -3.80 29.20 -8.92
CA GLU B 230 -4.17 29.77 -10.21
C GLU B 230 -4.08 28.76 -11.33
N PHE B 231 -3.20 27.79 -11.17
CA PHE B 231 -3.03 26.75 -12.18
C PHE B 231 -4.34 25.99 -12.38
N ALA B 232 -5.18 25.96 -11.36
CA ALA B 232 -6.46 25.26 -11.44
C ALA B 232 -7.56 26.15 -12.01
N GLY B 233 -7.22 27.41 -12.26
CA GLY B 233 -8.22 28.32 -12.80
C GLY B 233 -8.95 29.06 -11.70
N ALA B 234 -9.76 30.04 -12.07
CA ALA B 234 -10.52 30.83 -11.12
C ALA B 234 -11.64 30.02 -10.50
N VAL B 235 -11.99 30.36 -9.27
CA VAL B 235 -13.04 29.65 -8.55
C VAL B 235 -14.36 30.41 -8.63
N GLU B 236 -15.44 29.76 -8.21
CA GLU B 236 -16.76 30.40 -8.22
C GLU B 236 -16.79 31.43 -7.11
N PRO B 237 -17.57 32.51 -7.29
CA PRO B 237 -17.72 33.61 -6.32
C PRO B 237 -17.85 33.18 -4.87
N ALA B 238 -18.76 32.25 -4.60
CA ALA B 238 -18.98 31.76 -3.25
C ALA B 238 -17.68 31.29 -2.60
N ALA B 239 -16.87 30.55 -3.35
CA ALA B 239 -15.60 30.05 -2.83
C ALA B 239 -14.64 31.19 -2.50
N GLU B 240 -14.60 32.20 -3.34
CA GLU B 240 -13.72 33.35 -3.11
C GLU B 240 -14.27 34.16 -1.93
N GLN B 241 -15.59 34.30 -1.88
CA GLN B 241 -16.24 35.04 -0.81
C GLN B 241 -15.89 34.41 0.53
N GLY B 242 -15.77 33.09 0.53
CA GLY B 242 -15.44 32.39 1.76
C GLY B 242 -13.98 32.57 2.14
N LEU B 243 -13.10 32.52 1.15
CA LEU B 243 -11.67 32.69 1.41
C LEU B 243 -11.41 34.08 1.96
N GLN B 244 -12.01 35.10 1.34
CA GLN B 244 -11.84 36.48 1.79
C GLN B 244 -12.31 36.63 3.23
N ALA B 245 -13.37 35.94 3.60
CA ALA B 245 -13.89 36.01 4.96
C ALA B 245 -12.97 35.33 5.97
N ALA B 246 -12.32 34.25 5.54
CA ALA B 246 -11.40 33.52 6.41
C ALA B 246 -10.15 34.36 6.67
N ILE B 247 -9.55 34.85 5.59
CA ILE B 247 -8.35 35.68 5.71
C ILE B 247 -8.60 36.82 6.70
N LYS B 248 -9.71 37.52 6.50
CA LYS B 248 -10.08 38.65 7.36
C LYS B 248 -10.28 38.24 8.82
N ALA B 249 -10.95 37.13 9.03
CA ALA B 249 -11.20 36.64 10.40
C ALA B 249 -9.89 36.23 11.08
N ALA B 250 -8.97 35.67 10.30
CA ALA B 250 -7.68 35.24 10.84
C ALA B 250 -6.83 36.47 11.19
N GLU B 251 -6.75 37.42 10.25
CA GLU B 251 -5.98 38.63 10.49
C GLU B 251 -6.48 39.31 11.75
N ARG B 252 -7.78 39.58 11.80
CA ARG B 252 -8.39 40.23 12.94
C ARG B 252 -8.21 39.37 14.19
N ALA B 253 -7.71 38.14 13.99
CA ALA B 253 -7.50 37.22 15.10
C ALA B 253 -6.06 37.28 15.60
N GLY B 254 -5.18 37.90 14.81
CA GLY B 254 -3.79 38.04 15.21
C GLY B 254 -2.79 37.33 14.32
N ALA B 255 -3.27 36.72 13.25
CA ALA B 255 -2.40 35.99 12.34
C ALA B 255 -1.87 36.87 11.22
N SER B 256 -0.67 36.55 10.74
CA SER B 256 -0.06 37.31 9.66
C SER B 256 -0.34 36.56 8.37
N VAL B 257 -1.12 37.17 7.48
CA VAL B 257 -1.49 36.55 6.22
C VAL B 257 -0.79 37.19 5.03
N GLN B 258 -0.28 36.36 4.13
CA GLN B 258 0.42 36.86 2.95
C GLN B 258 0.19 35.97 1.74
N ALA B 259 -0.25 36.59 0.64
CA ALA B 259 -0.50 35.84 -0.59
C ALA B 259 0.82 35.35 -1.14
N ILE B 260 0.84 34.13 -1.65
CA ILE B 260 2.06 33.56 -2.19
C ILE B 260 1.83 32.75 -3.45
N ASP B 261 2.87 32.66 -4.28
CA ASP B 261 2.79 31.88 -5.49
C ASP B 261 3.37 30.52 -5.12
N LEU B 262 3.15 29.53 -5.97
CA LEU B 262 3.68 28.20 -5.72
C LEU B 262 4.68 27.90 -6.82
N PRO B 263 5.84 27.34 -6.47
CA PRO B 263 6.89 27.01 -7.45
C PRO B 263 6.33 26.37 -8.72
N GLU B 264 6.94 26.67 -9.85
CA GLU B 264 6.51 26.11 -11.12
C GLU B 264 6.44 24.59 -11.02
N ALA B 265 7.37 24.02 -10.27
CA ALA B 265 7.42 22.57 -10.09
C ALA B 265 6.13 22.09 -9.45
N VAL B 266 5.67 22.84 -8.44
CA VAL B 266 4.42 22.51 -7.73
C VAL B 266 3.23 22.62 -8.68
N HIS B 267 3.29 23.55 -9.62
CA HIS B 267 2.20 23.72 -10.59
C HIS B 267 2.17 22.53 -11.52
N GLU B 268 3.34 22.04 -11.88
CA GLU B 268 3.44 20.89 -12.77
C GLU B 268 2.95 19.61 -12.09
N ALA B 269 3.16 19.52 -10.78
CA ALA B 269 2.73 18.35 -10.02
C ALA B 269 1.22 18.25 -10.17
N TRP B 270 0.53 19.37 -9.97
CA TRP B 270 -0.92 19.44 -10.10
C TRP B 270 -1.34 18.95 -11.47
N ARG B 271 -0.58 19.33 -12.49
CA ARG B 271 -0.89 18.95 -13.87
C ARG B 271 -0.82 17.45 -14.13
N ILE B 272 0.22 16.78 -13.62
CA ILE B 272 0.38 15.35 -13.86
C ILE B 272 -0.32 14.41 -12.88
N HIS B 273 -1.10 14.97 -11.96
CA HIS B 273 -1.84 14.16 -10.99
C HIS B 273 -2.73 13.13 -11.71
N PRO B 274 -3.47 13.56 -12.75
CA PRO B 274 -4.36 12.68 -13.51
C PRO B 274 -3.61 11.53 -14.19
N ILE B 275 -2.35 11.76 -14.53
CA ILE B 275 -1.54 10.73 -15.17
C ILE B 275 -1.25 9.60 -14.19
N ILE B 276 -0.76 9.96 -13.01
CA ILE B 276 -0.45 8.97 -11.99
C ILE B 276 -1.72 8.22 -11.60
N GLN B 277 -2.73 9.00 -11.25
CA GLN B 277 -4.02 8.46 -10.85
C GLN B 277 -4.63 7.46 -11.83
N ASP B 278 -4.83 7.89 -13.07
CA ASP B 278 -5.44 7.04 -14.07
C ASP B 278 -4.59 5.87 -14.53
N PHE B 279 -3.28 6.05 -14.57
CA PHE B 279 -2.42 4.96 -14.99
C PHE B 279 -2.51 3.85 -13.95
N GLU B 280 -2.41 4.24 -12.68
CA GLU B 280 -2.46 3.25 -11.60
C GLU B 280 -3.85 2.64 -11.50
N ALA B 281 -4.88 3.43 -11.77
CA ALA B 281 -6.24 2.93 -11.69
C ALA B 281 -6.41 1.71 -12.59
N HIS B 282 -5.82 1.77 -13.78
CA HIS B 282 -5.92 0.65 -14.71
C HIS B 282 -5.25 -0.61 -14.15
N ARG B 283 -4.18 -0.43 -13.40
CA ARG B 283 -3.49 -1.57 -12.79
C ARG B 283 -4.30 -2.04 -11.58
N ALA B 284 -4.76 -1.08 -10.77
CA ALA B 284 -5.51 -1.35 -9.55
C ALA B 284 -6.88 -1.95 -9.76
N LEU B 285 -7.52 -1.59 -10.87
CA LEU B 285 -8.86 -2.10 -11.16
C LEU B 285 -8.81 -2.97 -12.41
N ALA B 286 -7.68 -3.67 -12.60
CA ALA B 286 -7.49 -4.54 -13.74
C ALA B 286 -8.54 -5.65 -13.86
N TRP B 287 -8.76 -6.38 -12.77
CA TRP B 287 -9.75 -7.45 -12.78
C TRP B 287 -11.14 -6.94 -13.14
N GLU B 288 -11.53 -5.83 -12.52
CA GLU B 288 -12.85 -5.24 -12.78
C GLU B 288 -13.00 -4.82 -14.24
N PHE B 289 -11.98 -4.11 -14.74
CA PHE B 289 -12.00 -3.60 -16.11
C PHE B 289 -11.98 -4.73 -17.14
N SER B 290 -11.22 -5.78 -16.87
CA SER B 290 -11.09 -6.91 -17.77
C SER B 290 -12.25 -7.89 -17.76
N GLU B 291 -12.72 -8.25 -16.57
CA GLU B 291 -13.80 -9.23 -16.43
C GLU B 291 -15.20 -8.69 -16.20
N HIS B 292 -15.32 -7.41 -15.86
CA HIS B 292 -16.63 -6.83 -15.60
C HIS B 292 -16.71 -5.40 -16.11
N HIS B 293 -16.16 -5.19 -17.30
CA HIS B 293 -16.13 -3.88 -17.93
C HIS B 293 -17.48 -3.17 -17.97
N ASP B 294 -18.46 -3.78 -18.62
CA ASP B 294 -19.77 -3.16 -18.74
C ASP B 294 -20.50 -2.91 -17.42
N GLU B 295 -20.08 -3.60 -16.37
CA GLU B 295 -20.68 -3.45 -15.05
C GLU B 295 -20.10 -2.29 -14.26
N ILE B 296 -19.01 -1.71 -14.75
CA ILE B 296 -18.40 -0.58 -14.06
C ILE B 296 -19.32 0.62 -14.30
N ALA B 297 -19.55 1.43 -13.26
CA ALA B 297 -20.42 2.61 -13.40
C ALA B 297 -19.99 3.44 -14.61
N PRO B 298 -20.98 3.96 -15.37
CA PRO B 298 -20.81 4.77 -16.58
C PRO B 298 -19.65 5.77 -16.65
N MET B 299 -19.56 6.67 -15.70
CA MET B 299 -18.51 7.68 -15.72
C MET B 299 -17.12 7.11 -15.52
N LEU B 300 -16.96 6.22 -14.55
CA LEU B 300 -15.66 5.62 -14.30
C LEU B 300 -15.32 4.75 -15.50
N ARG B 301 -16.34 4.10 -16.05
CA ARG B 301 -16.14 3.26 -17.23
C ARG B 301 -15.61 4.09 -18.39
N ALA B 302 -16.15 5.30 -18.55
CA ALA B 302 -15.73 6.19 -19.63
C ALA B 302 -14.30 6.70 -19.40
N SER B 303 -13.99 7.13 -18.19
CA SER B 303 -12.65 7.63 -17.89
C SER B 303 -11.59 6.54 -18.07
N LEU B 304 -11.92 5.31 -17.70
CA LEU B 304 -10.97 4.21 -17.85
C LEU B 304 -10.80 3.90 -19.34
N ASP B 305 -11.91 3.80 -20.07
CA ASP B 305 -11.86 3.53 -21.51
C ASP B 305 -11.04 4.59 -22.24
N ALA B 306 -10.99 5.80 -21.70
CA ALA B 306 -10.25 6.90 -22.31
C ALA B 306 -8.77 6.94 -21.95
N THR B 307 -8.39 6.22 -20.90
CA THR B 307 -6.99 6.23 -20.47
C THR B 307 -6.27 4.89 -20.61
N VAL B 308 -6.85 3.96 -21.34
CA VAL B 308 -6.24 2.64 -21.55
C VAL B 308 -4.85 2.76 -22.15
N GLY B 309 -4.64 3.82 -22.93
CA GLY B 309 -3.37 4.04 -23.60
C GLY B 309 -2.22 4.64 -22.82
N LEU B 310 -2.48 5.15 -21.61
CA LEU B 310 -1.39 5.73 -20.83
C LEU B 310 -0.26 4.70 -20.75
N THR B 311 0.96 5.16 -21.00
CA THR B 311 2.12 4.26 -21.02
C THR B 311 3.01 4.34 -19.79
N PRO B 312 3.75 3.26 -19.52
CA PRO B 312 4.65 3.23 -18.36
C PRO B 312 5.60 4.42 -18.44
N LYS B 313 6.02 4.75 -19.66
CA LYS B 313 6.94 5.86 -19.86
C LYS B 313 6.38 7.20 -19.37
N GLU B 314 5.22 7.60 -19.87
CA GLU B 314 4.67 8.88 -19.42
C GLU B 314 4.38 8.80 -17.93
N TYR B 315 3.97 7.63 -17.47
CA TYR B 315 3.67 7.43 -16.05
C TYR B 315 4.90 7.73 -15.18
N ASP B 316 6.01 7.05 -15.47
CA ASP B 316 7.23 7.25 -14.69
C ASP B 316 7.66 8.71 -14.70
N GLU B 317 7.53 9.37 -15.85
CA GLU B 317 7.91 10.76 -15.95
C GLU B 317 7.01 11.64 -15.09
N ALA B 318 5.74 11.25 -14.95
CA ALA B 318 4.82 12.02 -14.14
C ALA B 318 5.22 11.93 -12.68
N ARG B 319 5.64 10.74 -12.24
CA ARG B 319 6.05 10.56 -10.86
C ARG B 319 7.29 11.38 -10.51
N ARG B 320 8.24 11.44 -11.44
CA ARG B 320 9.45 12.21 -11.20
C ARG B 320 9.04 13.65 -10.96
N ILE B 321 8.11 14.14 -11.77
CA ILE B 321 7.60 15.50 -11.66
C ILE B 321 6.94 15.69 -10.29
N GLY B 322 6.20 14.68 -9.84
CA GLY B 322 5.55 14.77 -8.55
C GLY B 322 6.56 14.89 -7.43
N ARG B 323 7.64 14.11 -7.51
CA ARG B 323 8.68 14.15 -6.49
C ARG B 323 9.36 15.52 -6.45
N ARG B 324 9.69 16.04 -7.63
CA ARG B 324 10.32 17.35 -7.71
C ARG B 324 9.43 18.37 -7.03
N GLY B 325 8.13 18.27 -7.31
CA GLY B 325 7.18 19.18 -6.70
C GLY B 325 7.16 19.09 -5.19
N ARG B 326 7.30 17.87 -4.67
CA ARG B 326 7.30 17.67 -3.24
C ARG B 326 8.47 18.41 -2.59
N ARG B 327 9.64 18.36 -3.24
CA ARG B 327 10.82 19.03 -2.70
C ARG B 327 10.62 20.54 -2.67
N GLU B 328 10.49 21.14 -3.85
CA GLU B 328 10.31 22.58 -3.95
C GLU B 328 9.15 23.13 -3.13
N LEU B 329 8.23 22.26 -2.73
CA LEU B 329 7.10 22.68 -1.91
C LEU B 329 7.55 22.85 -0.46
N GLY B 330 8.41 21.93 -0.01
CA GLY B 330 8.90 21.99 1.35
C GLY B 330 9.52 23.33 1.65
N GLU B 331 10.16 23.92 0.63
CA GLU B 331 10.81 25.20 0.77
C GLU B 331 9.78 26.25 1.18
N VAL B 332 8.65 26.28 0.48
CA VAL B 332 7.59 27.22 0.78
C VAL B 332 7.28 27.29 2.26
N PHE B 333 7.37 26.16 2.96
CA PHE B 333 7.06 26.12 4.38
C PHE B 333 8.16 26.61 5.31
N GLU B 334 9.15 27.29 4.76
CA GLU B 334 10.24 27.80 5.57
C GLU B 334 9.85 29.08 6.30
N GLY B 335 9.09 29.94 5.63
CA GLY B 335 8.66 31.18 6.24
C GLY B 335 7.20 31.18 6.68
N VAL B 336 6.44 30.22 6.15
CA VAL B 336 5.02 30.11 6.48
C VAL B 336 4.77 28.80 7.23
N ASP B 337 3.86 28.85 8.21
CA ASP B 337 3.54 27.67 9.00
C ASP B 337 2.50 26.81 8.30
N VAL B 338 1.46 27.44 7.77
CA VAL B 338 0.41 26.73 7.06
C VAL B 338 -0.05 27.53 5.87
N LEU B 339 -0.57 26.84 4.87
CA LEU B 339 -1.08 27.50 3.68
C LEU B 339 -2.60 27.53 3.84
N LEU B 340 -3.24 28.53 3.24
CA LEU B 340 -4.69 28.65 3.31
C LEU B 340 -5.18 28.75 1.88
N THR B 341 -6.07 27.85 1.49
CA THR B 341 -6.59 27.85 0.13
C THR B 341 -8.05 27.43 0.06
N TYR B 342 -8.55 27.15 -1.14
CA TYR B 342 -9.94 26.76 -1.33
C TYR B 342 -10.14 25.28 -1.02
N SER B 343 -11.33 24.91 -0.58
CA SER B 343 -11.65 23.52 -0.28
C SER B 343 -12.41 22.90 -1.45
N ALA B 344 -13.10 23.75 -2.21
CA ALA B 344 -13.89 23.30 -3.36
C ALA B 344 -14.08 24.47 -4.34
N PRO B 345 -14.56 24.19 -5.57
CA PRO B 345 -14.76 25.27 -6.54
C PRO B 345 -15.86 26.25 -6.14
N GLY B 346 -16.71 25.85 -5.20
CA GLY B 346 -17.79 26.70 -4.73
C GLY B 346 -18.79 25.91 -3.91
N THR B 347 -20.05 26.33 -3.92
CA THR B 347 -21.07 25.61 -3.17
C THR B 347 -21.36 24.27 -3.85
N ALA B 348 -21.97 23.35 -3.11
CA ALA B 348 -22.29 22.03 -3.64
C ALA B 348 -23.14 22.11 -4.90
N PRO B 349 -22.78 21.33 -5.92
CA PRO B 349 -23.56 21.34 -7.17
C PRO B 349 -24.97 20.80 -6.94
N ALA B 350 -25.88 21.20 -7.81
CA ALA B 350 -27.26 20.71 -7.74
C ALA B 350 -27.18 19.26 -8.19
N LYS B 351 -27.93 18.38 -7.53
CA LYS B 351 -27.92 16.96 -7.89
C LYS B 351 -28.16 16.79 -9.38
N ALA B 352 -29.00 17.65 -9.94
CA ALA B 352 -29.33 17.57 -11.37
C ALA B 352 -28.11 17.62 -12.27
N LEU B 353 -27.00 18.18 -11.78
CA LEU B 353 -25.80 18.26 -12.61
C LEU B 353 -25.08 16.92 -12.68
N ALA B 354 -25.54 15.95 -11.90
CA ALA B 354 -24.93 14.63 -11.89
C ALA B 354 -23.42 14.73 -11.70
N SER B 355 -23.00 15.54 -10.73
CA SER B 355 -21.58 15.72 -10.43
C SER B 355 -21.32 15.89 -8.95
N THR B 356 -20.27 15.23 -8.45
CA THR B 356 -19.89 15.35 -7.05
C THR B 356 -18.97 16.54 -6.87
N GLY B 357 -18.72 17.29 -7.95
CA GLY B 357 -17.86 18.44 -7.87
C GLY B 357 -16.47 18.20 -8.43
N ASP B 358 -15.81 19.27 -8.85
CA ASP B 358 -14.46 19.20 -9.43
C ASP B 358 -13.41 19.13 -8.31
N PRO B 359 -12.53 18.13 -8.36
CA PRO B 359 -11.48 17.97 -7.34
C PRO B 359 -10.23 18.79 -7.64
N ARG B 360 -10.30 19.66 -8.66
CA ARG B 360 -9.13 20.44 -9.07
C ARG B 360 -8.40 21.21 -7.97
N TYR B 361 -9.10 21.68 -6.94
CA TYR B 361 -8.43 22.40 -5.87
C TYR B 361 -8.02 21.50 -4.69
N ASN B 362 -8.12 20.19 -4.89
CA ASN B 362 -7.75 19.23 -3.85
C ASN B 362 -6.64 18.26 -4.27
N ARG B 363 -6.67 17.86 -5.52
CA ARG B 363 -5.73 16.87 -6.04
C ARG B 363 -4.24 17.10 -5.80
N LEU B 364 -3.77 18.34 -5.91
CA LEU B 364 -2.36 18.62 -5.69
C LEU B 364 -1.88 18.12 -4.34
N TRP B 365 -2.53 18.59 -3.29
CA TRP B 365 -2.17 18.26 -1.92
C TRP B 365 -2.19 16.78 -1.59
N THR B 366 -2.94 15.99 -2.35
CA THR B 366 -2.99 14.57 -2.10
C THR B 366 -1.72 13.94 -2.66
N LEU B 367 -1.23 14.48 -3.77
CA LEU B 367 0.00 14.00 -4.38
C LEU B 367 1.19 14.50 -3.55
N MET B 368 1.09 15.74 -3.04
CA MET B 368 2.16 16.29 -2.23
C MET B 368 2.23 15.55 -0.89
N GLY B 369 1.08 15.05 -0.43
CA GLY B 369 1.03 14.28 0.80
C GLY B 369 0.75 15.05 2.09
N ASN B 370 0.87 16.37 2.01
CA ASN B 370 0.64 17.23 3.18
C ASN B 370 -0.70 17.01 3.86
N PRO B 371 -0.76 17.27 5.17
CA PRO B 371 -2.00 17.12 5.93
C PRO B 371 -2.91 18.30 5.61
N CYS B 372 -4.17 18.03 5.30
CA CYS B 372 -5.13 19.08 4.96
C CYS B 372 -6.38 19.00 5.85
N VAL B 373 -6.85 20.16 6.29
CA VAL B 373 -8.02 20.22 7.14
C VAL B 373 -9.01 21.23 6.58
N ASN B 374 -10.28 20.82 6.48
CA ASN B 374 -11.30 21.72 5.99
C ASN B 374 -11.91 22.46 7.17
N VAL B 375 -12.05 23.77 7.02
CA VAL B 375 -12.64 24.61 8.06
C VAL B 375 -13.89 25.27 7.50
N PRO B 376 -15.06 24.99 8.08
CA PRO B 376 -16.31 25.60 7.61
C PRO B 376 -16.25 27.10 7.86
N VAL B 377 -16.45 27.89 6.82
CA VAL B 377 -16.40 29.34 6.97
C VAL B 377 -17.80 29.96 7.01
N LEU B 378 -18.55 29.80 5.92
CA LEU B 378 -19.89 30.36 5.88
C LEU B 378 -20.81 29.59 4.94
N LYS B 379 -21.98 30.17 4.67
CA LYS B 379 -22.95 29.54 3.79
C LYS B 379 -23.50 30.56 2.80
N VAL B 380 -23.63 30.14 1.55
CA VAL B 380 -24.16 30.99 0.50
C VAL B 380 -25.40 30.31 -0.06
N GLY B 381 -26.57 30.93 0.13
CA GLY B 381 -27.80 30.33 -0.35
C GLY B 381 -28.11 29.11 0.50
N GLY B 382 -27.59 29.10 1.72
CA GLY B 382 -27.81 27.98 2.62
C GLY B 382 -26.82 26.84 2.42
N LEU B 383 -25.93 26.98 1.43
CA LEU B 383 -24.94 25.95 1.15
C LEU B 383 -23.57 26.29 1.74
N PRO B 384 -22.98 25.36 2.49
CA PRO B 384 -21.67 25.58 3.11
C PRO B 384 -20.52 25.88 2.16
N ILE B 385 -19.54 26.62 2.70
CA ILE B 385 -18.34 26.99 1.97
C ILE B 385 -17.23 26.84 3.02
N GLY B 386 -16.11 26.26 2.63
CA GLY B 386 -15.04 26.11 3.59
C GLY B 386 -13.71 26.49 2.99
N VAL B 387 -12.68 26.46 3.82
CA VAL B 387 -11.33 26.77 3.40
C VAL B 387 -10.46 25.61 3.85
N GLN B 388 -9.35 25.41 3.14
CA GLN B 388 -8.44 24.31 3.43
C GLN B 388 -7.15 24.76 4.11
N VAL B 389 -6.91 24.25 5.31
CA VAL B 389 -5.70 24.56 6.08
C VAL B 389 -4.67 23.48 5.78
N ILE B 390 -3.51 23.89 5.27
CA ILE B 390 -2.46 22.94 4.91
C ILE B 390 -1.14 23.20 5.63
N ALA B 391 -0.58 22.17 6.26
CA ALA B 391 0.70 22.32 6.97
C ALA B 391 1.77 21.50 6.26
N ARG B 392 2.98 21.49 6.82
CA ARG B 392 4.07 20.74 6.21
C ARG B 392 3.80 19.25 6.41
N PHE B 393 4.35 18.43 5.52
CA PHE B 393 4.19 16.99 5.62
C PHE B 393 4.63 16.56 7.02
N GLY B 394 3.83 15.70 7.64
CA GLY B 394 4.16 15.24 8.98
C GLY B 394 3.79 16.18 10.10
N ASN B 395 3.34 17.39 9.77
CA ASN B 395 2.98 18.34 10.81
C ASN B 395 1.45 18.47 10.91
N ASP B 396 0.78 17.32 10.99
CA ASP B 396 -0.67 17.26 11.10
C ASP B 396 -1.16 18.00 12.34
N ALA B 397 -0.45 17.83 13.44
CA ALA B 397 -0.81 18.47 14.70
C ALA B 397 -1.01 19.96 14.52
N HIS B 398 -0.08 20.59 13.80
CA HIS B 398 -0.14 22.02 13.56
C HIS B 398 -1.31 22.37 12.65
N ALA B 399 -1.60 21.51 11.68
CA ALA B 399 -2.72 21.76 10.77
C ALA B 399 -3.99 21.85 11.60
N LEU B 400 -4.17 20.90 12.50
CA LEU B 400 -5.34 20.85 13.36
C LEU B 400 -5.38 22.02 14.34
N ALA B 401 -4.20 22.40 14.81
CA ALA B 401 -4.05 23.52 15.76
C ALA B 401 -4.48 24.82 15.09
N THR B 402 -4.01 25.03 13.87
CA THR B 402 -4.33 26.22 13.10
C THR B 402 -5.78 26.23 12.64
N ALA B 403 -6.36 25.05 12.44
CA ALA B 403 -7.76 24.96 12.01
C ALA B 403 -8.65 25.31 13.20
N TRP B 404 -8.26 24.84 14.37
CA TRP B 404 -9.02 25.11 15.59
C TRP B 404 -8.94 26.62 15.82
N PHE B 405 -7.78 27.18 15.49
CA PHE B 405 -7.56 28.63 15.63
C PHE B 405 -8.51 29.36 14.70
N LEU B 406 -8.57 28.94 13.44
CA LEU B 406 -9.43 29.58 12.45
C LEU B 406 -10.90 29.47 12.84
N GLU B 407 -11.30 28.33 13.40
CA GLU B 407 -12.69 28.13 13.80
C GLU B 407 -13.09 29.17 14.83
N ASP B 408 -12.18 29.43 15.79
CA ASP B 408 -12.46 30.41 16.82
C ASP B 408 -12.46 31.81 16.23
N ALA B 409 -11.49 32.11 15.37
CA ALA B 409 -11.40 33.41 14.73
C ALA B 409 -12.69 33.74 13.98
N LEU B 410 -13.32 32.72 13.38
CA LEU B 410 -14.55 32.91 12.64
C LEU B 410 -15.74 33.11 13.58
N ALA B 411 -15.63 32.58 14.79
CA ALA B 411 -16.70 32.71 15.77
C ALA B 411 -16.59 34.09 16.41
N LYS B 412 -15.47 34.74 16.16
CA LYS B 412 -15.18 36.08 16.70
C LYS B 412 -15.06 36.04 18.22
C1 MLA C . 11.23 -14.34 6.06
O1A MLA C . 12.15 -13.89 5.45
O1B MLA C . 11.09 -15.65 6.31
C2 MLA C . 10.08 -13.53 6.66
C3 MLA C . 9.97 -12.08 6.23
O3A MLA C . 9.95 -11.14 6.97
O3B MLA C . 9.92 -11.94 4.89
C1 MLA D . -12.93 12.84 -6.01
O1A MLA D . -12.38 13.78 -5.54
O1B MLA D . -14.27 12.82 -6.26
C2 MLA D . -12.27 11.53 -6.41
C3 MLA D . -10.78 11.44 -6.10
O3A MLA D . -9.91 11.39 -6.91
O3B MLA D . -10.53 11.41 -4.78
#